data_6MFJ
#
_entry.id   6MFJ
#
_cell.length_a   81.658
_cell.length_b   70.520
_cell.length_c   84.305
_cell.angle_alpha   90.00
_cell.angle_beta   98.33
_cell.angle_gamma   90.00
#
_symmetry.space_group_name_H-M   'P 1 21 1'
#
loop_
_entity.id
_entity.type
_entity.pdbx_description
1 polymer 'DH677.3 Fab heavy chain'
2 polymer 'DH677.3 Fab light chain'
3 non-polymer 2-acetamido-2-deoxy-beta-D-glucopyranose
4 water water
#
loop_
_entity_poly.entity_id
_entity_poly.type
_entity_poly.pdbx_seq_one_letter_code
_entity_poly.pdbx_strand_id
1 'polypeptide(L)'
;QVQLVQSGAEVQKPGASVKVSCKASGYTFASYDINWVRQATGQGLEWMGWMNPKTGNTGYAQKFQGRVTLTRNTSISTAY
MELTSLRSEDTAVYYCATYRIIAAVGYRYFQYWGQGTLVTVSSASTKGPSVFPLAPSSKSTSGGTAALGCLVKDYFPEPV
TVSWNSGALTSGVHTFPAVLQSSGLYSLSSVVTVPSSSLGTQTYICNVNHKPSNTKVDKRVEPKSCDK
;
H,A
2 'polypeptide(L)'
;DIQLTQSPSSLSASVGDSVTITCRASQGFGNYLAWYQQRPGKVPEVLIYAATTLQSGVPSRFSGSGSGTDFTLTISSLQP
EDVATYYCQKYNSAPFTFGQGTRLEIKRTVAAPSVFIFPPSDEQLKSGTASVVCLLNNFYPREAKVQWKVDNALQSGNSQ
ESVTEQDSKDSTYSLSSTLTLSKADYEKHKVYACEVTHQGLSSPVTKSFNRGEC
;
L,B
#
# COMPACT_ATOMS: atom_id res chain seq x y z
N GLN A 1 -12.21 9.42 3.16
CA GLN A 1 -11.50 8.72 4.28
C GLN A 1 -10.84 9.73 5.21
N VAL A 2 -10.31 9.22 6.33
CA VAL A 2 -9.79 10.04 7.45
C VAL A 2 -8.51 10.75 7.01
N GLN A 3 -8.33 12.00 7.44
CA GLN A 3 -7.18 12.83 7.04
C GLN A 3 -6.82 13.81 8.16
N LEU A 4 -5.55 13.96 8.46
CA LEU A 4 -5.06 15.09 9.28
C LEU A 4 -4.14 15.94 8.42
N VAL A 5 -4.41 17.26 8.34
CA VAL A 5 -3.59 18.22 7.53
C VAL A 5 -3.06 19.31 8.46
N GLN A 6 -1.73 19.47 8.51
CA GLN A 6 -1.03 20.41 9.41
C GLN A 6 -0.64 21.69 8.67
N SER A 7 -0.31 22.75 9.41
CA SER A 7 0.21 24.04 8.90
C SER A 7 1.62 23.85 8.31
N GLY A 8 2.09 24.82 7.53
CA GLY A 8 3.34 24.73 6.77
C GLY A 8 4.56 24.88 7.66
N ALA A 9 5.74 24.55 7.13
CA ALA A 9 7.02 24.68 7.84
C ALA A 9 7.24 26.14 8.26
N GLU A 10 7.99 26.35 9.33
CA GLU A 10 8.01 27.64 10.07
C GLU A 10 9.36 27.84 10.72
N VAL A 11 9.79 29.10 10.81
CA VAL A 11 11.03 29.48 11.54
C VAL A 11 10.62 30.43 12.68
N GLN A 12 11.23 30.25 13.84
CA GLN A 12 11.00 31.09 15.04
C GLN A 12 12.32 31.21 15.79
N LYS A 13 12.59 32.34 16.40
CA LYS A 13 13.91 32.56 17.02
C LYS A 13 13.89 31.97 18.43
N PRO A 14 15.09 31.71 19.00
CA PRO A 14 15.24 31.34 20.41
C PRO A 14 14.33 32.14 21.34
N GLY A 15 13.58 31.42 22.18
CA GLY A 15 12.69 31.99 23.21
C GLY A 15 11.39 32.55 22.66
N ALA A 16 10.95 32.15 21.45
CA ALA A 16 9.95 32.89 20.65
C ALA A 16 8.53 32.28 20.63
N SER A 17 8.36 30.99 20.94
CA SER A 17 7.06 30.25 20.90
C SER A 17 6.62 29.98 19.44
N VAL A 18 5.94 28.86 19.22
CA VAL A 18 5.37 28.51 17.89
C VAL A 18 4.03 27.80 18.11
N LYS A 19 3.07 28.05 17.23
CA LYS A 19 1.74 27.40 17.28
C LYS A 19 1.54 26.64 15.98
N VAL A 20 1.27 25.35 16.07
CA VAL A 20 1.02 24.46 14.90
C VAL A 20 -0.44 24.05 14.92
N SER A 21 -1.05 23.91 13.75
CA SER A 21 -2.48 23.55 13.61
C SER A 21 -2.60 22.20 12.89
N CYS A 22 -3.70 21.51 13.16
CA CYS A 22 -3.99 20.14 12.69
C CYS A 22 -5.48 20.06 12.40
N LYS A 23 -5.86 20.26 11.13
CA LYS A 23 -7.27 20.21 10.69
C LYS A 23 -7.66 18.75 10.41
N ALA A 24 -8.73 18.26 11.02
CA ALA A 24 -9.18 16.86 10.87
C ALA A 24 -10.40 16.80 9.97
N SER A 25 -10.62 15.66 9.31
CA SER A 25 -11.75 15.40 8.39
C SER A 25 -11.94 13.89 8.20
N GLY A 26 -13.15 13.48 7.82
CA GLY A 26 -13.51 12.08 7.54
C GLY A 26 -14.03 11.33 8.77
N TYR A 27 -14.23 12.00 9.91
CA TYR A 27 -14.79 11.37 11.14
C TYR A 27 -15.31 12.43 12.11
N THR A 28 -16.03 12.00 13.16
CA THR A 28 -16.54 12.89 14.25
C THR A 28 -15.37 13.39 15.10
N PHE A 29 -14.91 14.62 14.86
CA PHE A 29 -13.67 15.21 15.43
C PHE A 29 -13.67 15.18 16.95
N ALA A 30 -14.81 15.47 17.58
CA ALA A 30 -14.93 15.64 19.05
C ALA A 30 -14.80 14.30 19.80
N SER A 31 -14.98 13.14 19.15
CA SER A 31 -15.13 11.83 19.84
C SER A 31 -13.79 11.11 20.07
N TYR A 32 -12.64 11.74 19.76
CA TYR A 32 -11.30 11.09 19.75
C TYR A 32 -10.21 12.08 20.12
N ASP A 33 -9.23 11.65 20.90
CA ASP A 33 -8.10 12.50 21.32
C ASP A 33 -7.19 12.79 20.12
N ILE A 34 -6.54 13.95 20.16
CA ILE A 34 -5.44 14.29 19.23
C ILE A 34 -4.16 14.18 20.04
N ASN A 35 -3.21 13.40 19.55
CA ASN A 35 -1.91 13.23 20.22
C ASN A 35 -0.86 13.97 19.41
N TRP A 36 0.17 14.47 20.07
CA TRP A 36 1.27 15.21 19.41
C TRP A 36 2.59 14.49 19.66
N VAL A 37 3.32 14.23 18.57
CA VAL A 37 4.63 13.52 18.55
C VAL A 37 5.66 14.38 17.83
N ARG A 38 6.92 14.27 18.20
CA ARG A 38 7.96 15.09 17.56
C ARG A 38 9.18 14.21 17.28
N GLN A 39 9.90 14.58 16.21
CA GLN A 39 11.20 14.00 15.82
C GLN A 39 12.23 15.12 15.65
N ALA A 40 13.02 15.35 16.70
CA ALA A 40 14.16 16.30 16.70
C ALA A 40 15.21 15.82 15.70
N THR A 41 16.09 16.72 15.26
CA THR A 41 17.22 16.42 14.35
C THR A 41 18.10 15.36 15.04
N GLY A 42 18.18 14.17 14.42
CA GLY A 42 18.93 13.00 14.93
C GLY A 42 18.35 12.46 16.22
N GLN A 43 17.05 12.16 16.24
CA GLN A 43 16.37 11.56 17.41
C GLN A 43 15.21 10.69 16.90
N GLY A 44 14.68 9.85 17.77
CA GLY A 44 13.47 9.06 17.49
C GLY A 44 12.21 9.82 17.86
N LEU A 45 11.07 9.30 17.42
CA LEU A 45 9.70 9.77 17.78
C LEU A 45 9.60 9.93 19.30
N GLU A 46 9.03 11.05 19.72
CA GLU A 46 8.94 11.49 21.12
C GLU A 46 7.49 11.90 21.35
N TRP A 47 6.73 11.09 22.09
CA TRP A 47 5.34 11.44 22.43
C TRP A 47 5.31 12.67 23.32
N MET A 48 4.58 13.71 22.93
CA MET A 48 4.56 15.02 23.64
C MET A 48 3.33 15.11 24.54
N GLY A 49 2.14 14.81 24.01
CA GLY A 49 0.91 14.96 24.78
C GLY A 49 -0.35 14.55 24.04
N TRP A 50 -1.45 14.57 24.78
CA TRP A 50 -2.80 14.21 24.28
C TRP A 50 -3.77 15.31 24.67
N MET A 51 -4.81 15.46 23.88
CA MET A 51 -5.85 16.48 24.10
C MET A 51 -7.19 15.87 23.70
N ASN A 52 -8.20 16.03 24.56
CA ASN A 52 -9.58 15.65 24.22
C ASN A 52 -10.27 16.89 23.67
N PRO A 53 -10.84 16.81 22.45
CA PRO A 53 -11.53 17.96 21.87
C PRO A 53 -12.88 18.25 22.55
N LYS A 54 -13.59 17.24 23.07
CA LYS A 54 -14.89 17.48 23.75
C LYS A 54 -14.68 18.41 24.95
N THR A 55 -13.76 18.06 25.85
CA THR A 55 -13.63 18.66 27.20
C THR A 55 -12.48 19.68 27.25
N GLY A 56 -11.48 19.53 26.38
CA GLY A 56 -10.24 20.33 26.41
C GLY A 56 -9.24 19.83 27.45
N ASN A 57 -9.49 18.65 28.04
CA ASN A 57 -8.54 18.04 29.00
C ASN A 57 -7.27 17.66 28.24
N THR A 58 -6.13 17.81 28.90
CA THR A 58 -4.78 17.60 28.33
C THR A 58 -3.98 16.70 29.25
N GLY A 59 -2.98 16.03 28.68
CA GLY A 59 -1.92 15.32 29.41
C GLY A 59 -0.62 15.38 28.65
N TYR A 60 0.49 15.59 29.35
CA TYR A 60 1.80 15.83 28.72
C TYR A 60 2.84 14.90 29.32
N ALA A 61 3.83 14.52 28.50
CA ALA A 61 5.11 13.91 28.95
C ALA A 61 5.84 14.88 29.89
N GLN A 62 6.52 14.35 30.89
CA GLN A 62 7.28 15.15 31.89
C GLN A 62 8.17 16.16 31.16
N LYS A 63 8.81 15.72 30.08
CA LYS A 63 9.81 16.53 29.32
C LYS A 63 9.14 17.79 28.75
N PHE A 64 7.81 17.84 28.72
CA PHE A 64 7.07 18.87 27.97
C PHE A 64 6.08 19.65 28.84
N GLN A 65 5.80 19.26 30.09
CA GLN A 65 4.77 20.00 30.88
C GLN A 65 5.37 21.32 31.37
N GLY A 66 4.59 22.40 31.24
CA GLY A 66 5.00 23.79 31.46
C GLY A 66 5.60 24.41 30.21
N ARG A 67 5.65 23.66 29.11
CA ARG A 67 6.19 24.09 27.79
C ARG A 67 5.11 24.02 26.71
N VAL A 68 4.11 23.18 26.86
CA VAL A 68 3.15 22.91 25.75
C VAL A 68 1.75 23.28 26.21
N THR A 69 1.01 23.91 25.31
CA THR A 69 -0.46 24.12 25.46
C THR A 69 -1.15 23.48 24.26
N LEU A 70 -2.05 22.53 24.52
CA LEU A 70 -2.91 21.95 23.49
C LEU A 70 -4.31 22.59 23.58
N THR A 71 -4.76 23.20 22.47
CA THR A 71 -6.10 23.82 22.35
C THR A 71 -6.79 23.24 21.11
N ARG A 72 -8.02 23.66 20.86
CA ARG A 72 -8.82 23.21 19.68
C ARG A 72 -9.93 24.23 19.38
N ASN A 73 -10.43 24.20 18.14
CA ASN A 73 -11.67 24.89 17.68
C ASN A 73 -12.54 23.82 17.00
N THR A 74 -13.59 23.38 17.69
CA THR A 74 -14.43 22.23 17.29
C THR A 74 -15.24 22.60 16.04
N SER A 75 -15.60 23.88 15.89
CA SER A 75 -16.40 24.38 14.75
C SER A 75 -15.68 24.15 13.42
N ILE A 76 -14.34 24.23 13.37
CA ILE A 76 -13.53 24.02 12.12
C ILE A 76 -12.69 22.76 12.26
N SER A 77 -12.96 21.90 13.24
CA SER A 77 -12.29 20.58 13.48
C SER A 77 -10.75 20.76 13.52
N THR A 78 -10.25 21.71 14.28
CA THR A 78 -8.81 22.05 14.29
C THR A 78 -8.26 21.85 15.70
N ALA A 79 -7.12 21.19 15.82
CA ALA A 79 -6.33 21.10 17.06
C ALA A 79 -5.09 21.96 16.93
N TYR A 80 -4.62 22.52 18.05
CA TYR A 80 -3.43 23.40 18.04
C TYR A 80 -2.44 22.96 19.11
N MET A 81 -1.17 23.18 18.82
CA MET A 81 -0.03 22.84 19.69
C MET A 81 0.85 24.08 19.81
N GLU A 82 0.90 24.70 21.00
CA GLU A 82 1.75 25.88 21.28
C GLU A 82 2.95 25.46 22.15
N LEU A 83 4.17 25.76 21.69
CA LEU A 83 5.43 25.42 22.41
C LEU A 83 6.22 26.71 22.69
N THR A 84 6.57 26.92 23.96
CA THR A 84 7.16 28.17 24.51
C THR A 84 8.66 28.00 24.79
N SER A 85 9.35 29.14 24.94
CA SER A 85 10.80 29.21 25.26
C SER A 85 11.56 28.31 24.29
N LEU A 86 11.46 28.60 22.99
CA LEU A 86 12.04 27.73 21.93
C LEU A 86 13.57 27.75 22.03
N ARG A 87 14.19 26.56 22.05
CA ARG A 87 15.66 26.40 22.06
C ARG A 87 16.10 25.68 20.78
N SER A 88 17.40 25.75 20.49
CA SER A 88 18.08 25.02 19.40
C SER A 88 17.55 23.58 19.35
N GLU A 89 17.40 22.94 20.51
CA GLU A 89 17.05 21.50 20.69
C GLU A 89 15.58 21.21 20.30
N ASP A 90 14.76 22.25 20.06
CA ASP A 90 13.31 22.09 19.73
C ASP A 90 13.10 22.11 18.21
N THR A 91 14.17 22.26 17.42
CA THR A 91 14.09 22.10 15.96
C THR A 91 13.71 20.65 15.67
N ALA A 92 12.58 20.43 15.01
CA ALA A 92 12.00 19.07 14.88
C ALA A 92 10.88 19.06 13.86
N VAL A 93 10.50 17.88 13.41
CA VAL A 93 9.23 17.65 12.69
C VAL A 93 8.18 17.32 13.74
N TYR A 94 7.10 18.09 13.79
CA TYR A 94 5.95 17.91 14.72
C TYR A 94 4.80 17.26 13.96
N TYR A 95 4.27 16.18 14.55
CA TYR A 95 3.14 15.37 14.02
C TYR A 95 1.98 15.47 14.99
N CYS A 96 0.76 15.61 14.47
CA CYS A 96 -0.48 15.25 15.20
C CYS A 96 -0.91 13.85 14.77
N ALA A 97 -1.59 13.11 15.63
CA ALA A 97 -2.03 11.73 15.31
C ALA A 97 -3.34 11.45 16.01
N THR A 98 -4.10 10.48 15.51
CA THR A 98 -5.32 10.00 16.20
C THR A 98 -5.41 8.48 16.09
N TYR A 99 -6.25 7.95 16.97
CA TYR A 99 -6.53 6.51 17.15
C TYR A 99 -7.25 6.00 15.92
N ARG A 100 -7.46 4.69 15.86
CA ARG A 100 -8.36 4.11 14.83
C ARG A 100 -9.78 4.50 15.20
N ILE A 101 -10.59 4.79 14.19
CA ILE A 101 -12.02 5.17 14.39
C ILE A 101 -12.80 3.88 14.62
N ILE A 102 -13.08 3.59 15.89
CA ILE A 102 -13.84 2.39 16.35
C ILE A 102 -14.50 2.70 17.69
N ALA A 103 -15.66 2.08 17.96
CA ALA A 103 -16.44 2.22 19.21
C ALA A 103 -15.65 1.68 20.42
N ALA A 104 -15.05 0.50 20.28
CA ALA A 104 -14.50 -0.34 21.37
C ALA A 104 -13.27 0.34 22.01
N VAL A 105 -13.03 0.04 23.29
CA VAL A 105 -11.82 0.49 24.05
C VAL A 105 -10.63 -0.39 23.67
N GLY A 106 -9.42 0.15 23.84
CA GLY A 106 -8.13 -0.55 23.69
C GLY A 106 -7.60 -0.47 22.26
N TYR A 107 -7.96 0.55 21.49
CA TYR A 107 -7.45 0.76 20.11
C TYR A 107 -6.81 2.15 20.01
N ARG A 108 -6.11 2.58 21.06
CA ARG A 108 -5.49 3.94 21.13
C ARG A 108 -4.04 3.93 20.58
N TYR A 109 -3.72 3.01 19.67
CA TYR A 109 -2.53 3.11 18.79
C TYR A 109 -2.81 4.14 17.70
N PHE A 110 -1.76 4.79 17.22
CA PHE A 110 -1.85 5.95 16.30
C PHE A 110 -1.98 5.38 14.88
N GLN A 111 -3.22 5.16 14.45
CA GLN A 111 -3.55 4.72 13.07
C GLN A 111 -3.31 5.88 12.10
N TYR A 112 -3.63 7.13 12.46
CA TYR A 112 -3.60 8.29 11.50
C TYR A 112 -2.62 9.37 11.94
N TRP A 113 -1.81 9.84 11.00
CA TRP A 113 -0.74 10.84 11.25
C TRP A 113 -0.93 12.04 10.33
N GLY A 114 -0.81 13.26 10.85
CA GLY A 114 -0.63 14.46 10.03
C GLY A 114 0.60 14.32 9.14
N GLN A 115 0.68 15.14 8.08
CA GLN A 115 1.78 15.06 7.09
C GLN A 115 3.09 15.49 7.76
N GLY A 116 3.01 16.20 8.88
CA GLY A 116 4.19 16.66 9.63
C GLY A 116 4.45 18.14 9.39
N THR A 117 5.13 18.81 10.31
CA THR A 117 5.42 20.25 10.25
C THR A 117 6.84 20.49 10.76
N LEU A 118 7.75 20.83 9.86
CA LEU A 118 9.14 21.20 10.22
C LEU A 118 9.12 22.55 10.92
N VAL A 119 9.64 22.60 12.14
CA VAL A 119 9.78 23.85 12.94
C VAL A 119 11.27 24.04 13.18
N THR A 120 11.77 25.21 12.80
CA THR A 120 13.22 25.53 12.78
C THR A 120 13.46 26.66 13.78
N VAL A 121 14.33 26.46 14.77
CA VAL A 121 14.60 27.50 15.79
C VAL A 121 15.93 28.18 15.44
N SER A 122 15.86 29.43 14.95
CA SER A 122 17.02 30.22 14.48
C SER A 122 16.62 31.69 14.34
N SER A 123 17.59 32.57 14.49
CA SER A 123 17.41 34.04 14.32
C SER A 123 17.67 34.41 12.85
N ALA A 124 18.09 33.47 12.01
CA ALA A 124 18.30 33.71 10.56
C ALA A 124 16.94 34.01 9.90
N SER A 125 16.92 34.98 8.99
CA SER A 125 15.73 35.40 8.21
C SER A 125 15.44 34.38 7.10
N THR A 126 14.18 34.35 6.66
CA THR A 126 13.70 33.46 5.59
C THR A 126 14.25 33.93 4.23
N LYS A 127 14.54 32.99 3.34
CA LYS A 127 15.10 33.28 2.01
C LYS A 127 14.67 32.20 1.02
N GLY A 128 14.19 32.59 -0.15
CA GLY A 128 13.84 31.66 -1.24
C GLY A 128 15.09 31.26 -2.02
N PRO A 129 15.15 30.03 -2.59
CA PRO A 129 16.36 29.57 -3.26
C PRO A 129 16.58 30.21 -4.63
N SER A 130 17.83 30.26 -5.07
CA SER A 130 18.22 30.33 -6.50
C SER A 130 18.36 28.91 -7.04
N VAL A 131 17.83 28.64 -8.23
CA VAL A 131 17.97 27.30 -8.88
C VAL A 131 18.92 27.48 -10.06
N PHE A 132 19.95 26.65 -10.12
CA PHE A 132 20.93 26.67 -11.24
C PHE A 132 20.88 25.33 -11.93
N PRO A 133 21.03 25.29 -13.27
CA PRO A 133 21.02 24.01 -13.98
C PRO A 133 22.32 23.20 -13.76
N LEU A 134 22.21 21.87 -13.71
CA LEU A 134 23.37 20.94 -13.83
C LEU A 134 23.25 20.27 -15.20
N ALA A 135 23.93 20.81 -16.20
CA ALA A 135 23.77 20.42 -17.61
C ALA A 135 24.54 19.14 -17.90
N PRO A 136 23.93 18.23 -18.69
CA PRO A 136 24.60 17.01 -19.17
C PRO A 136 25.83 17.34 -20.02
N SER A 137 26.92 16.57 -19.88
CA SER A 137 28.20 16.77 -20.61
C SER A 137 28.17 16.03 -21.96
N SER A 138 29.32 15.93 -22.64
CA SER A 138 29.56 15.10 -23.86
C SER A 138 28.29 14.95 -24.71
N GLY A 144 24.20 5.28 -24.45
CA GLY A 144 24.79 5.90 -23.25
C GLY A 144 23.73 6.34 -22.27
N THR A 145 24.16 6.75 -21.10
CA THR A 145 23.31 7.19 -19.96
C THR A 145 23.73 8.61 -19.65
N ALA A 146 22.83 9.56 -19.51
CA ALA A 146 23.28 10.93 -19.18
C ALA A 146 22.77 11.29 -17.79
N ALA A 147 23.55 12.02 -17.02
CA ALA A 147 23.10 12.54 -15.72
C ALA A 147 22.90 14.06 -15.84
N LEU A 148 21.78 14.56 -15.33
CA LEU A 148 21.51 16.02 -15.29
C LEU A 148 20.74 16.33 -14.01
N GLY A 149 20.69 17.62 -13.64
CA GLY A 149 20.14 17.98 -12.34
C GLY A 149 19.93 19.47 -12.14
N CYS A 150 19.56 19.79 -10.91
CA CYS A 150 19.27 21.15 -10.41
C CYS A 150 20.01 21.38 -9.11
N LEU A 151 20.73 22.49 -9.02
CA LEU A 151 21.36 22.97 -7.78
C LEU A 151 20.42 24.00 -7.14
N VAL A 152 19.86 23.68 -5.98
CA VAL A 152 18.93 24.57 -5.24
C VAL A 152 19.73 25.19 -4.10
N LYS A 153 20.06 26.47 -4.22
CA LYS A 153 21.12 27.11 -3.40
C LYS A 153 20.59 28.34 -2.64
N ASP A 154 21.06 28.49 -1.40
CA ASP A 154 20.92 29.71 -0.57
C ASP A 154 19.44 29.95 -0.25
N TYR A 155 18.80 28.99 0.40
CA TYR A 155 17.42 29.10 0.92
C TYR A 155 17.42 28.82 2.43
N PHE A 156 16.39 29.31 3.10
CA PHE A 156 16.19 29.15 4.57
C PHE A 156 14.76 29.47 4.92
N PRO A 157 14.08 28.67 5.77
CA PRO A 157 14.62 27.43 6.29
C PRO A 157 14.31 26.24 5.36
N GLU A 158 14.63 25.04 5.82
CA GLU A 158 14.17 23.77 5.19
C GLU A 158 12.67 23.68 5.44
N PRO A 159 11.91 22.93 4.60
CA PRO A 159 12.45 22.24 3.44
C PRO A 159 12.11 22.86 2.08
N VAL A 160 12.70 22.32 1.00
CA VAL A 160 12.22 22.51 -0.39
C VAL A 160 11.69 21.18 -0.87
N THR A 161 10.83 21.19 -1.88
CA THR A 161 10.46 19.98 -2.67
C THR A 161 10.92 20.20 -4.11
N VAL A 162 11.67 19.25 -4.64
CA VAL A 162 12.05 19.23 -6.07
C VAL A 162 11.24 18.12 -6.72
N SER A 163 10.61 18.38 -7.86
CA SER A 163 10.00 17.34 -8.70
C SER A 163 10.53 17.53 -10.13
N TRP A 164 10.32 16.55 -10.99
CA TRP A 164 10.83 16.60 -12.39
C TRP A 164 9.63 16.47 -13.34
N ASN A 165 9.48 17.43 -14.25
CA ASN A 165 8.40 17.46 -15.27
C ASN A 165 7.06 17.31 -14.55
N SER A 166 6.86 18.04 -13.46
CA SER A 166 5.57 18.11 -12.70
C SER A 166 5.15 16.71 -12.21
N GLY A 167 6.11 15.96 -11.65
CA GLY A 167 5.87 14.62 -11.08
C GLY A 167 5.94 13.53 -12.15
N ALA A 168 6.03 13.90 -13.43
CA ALA A 168 5.98 12.97 -14.58
C ALA A 168 7.19 12.01 -14.54
N LEU A 169 8.34 12.48 -14.08
CA LEU A 169 9.62 11.73 -14.10
C LEU A 169 10.06 11.48 -12.66
N THR A 170 10.20 10.21 -12.27
CA THR A 170 10.56 9.82 -10.89
C THR A 170 11.62 8.71 -10.89
N SER A 171 11.47 7.69 -11.73
CA SER A 171 12.48 6.61 -11.87
C SER A 171 13.79 7.26 -12.30
N GLY A 172 14.85 7.10 -11.49
CA GLY A 172 16.18 7.69 -11.74
C GLY A 172 16.43 8.97 -10.95
N VAL A 173 15.45 9.48 -10.20
CA VAL A 173 15.61 10.78 -9.48
C VAL A 173 16.30 10.55 -8.12
N HIS A 174 17.34 11.33 -7.85
CA HIS A 174 18.03 11.40 -6.54
C HIS A 174 18.06 12.85 -6.07
N THR A 175 17.27 13.16 -5.06
CA THR A 175 17.34 14.45 -4.33
C THR A 175 18.20 14.23 -3.10
N PHE A 176 19.24 15.03 -2.93
CA PHE A 176 20.18 14.89 -1.80
C PHE A 176 19.60 15.63 -0.59
N PRO A 177 19.89 15.18 0.64
CA PRO A 177 19.56 15.95 1.83
C PRO A 177 20.27 17.31 1.82
N ALA A 178 19.62 18.34 2.35
CA ALA A 178 20.16 19.71 2.42
C ALA A 178 21.37 19.71 3.33
N VAL A 179 22.36 20.52 2.96
CA VAL A 179 23.58 20.76 3.76
C VAL A 179 23.62 22.25 4.09
N LEU A 180 23.79 22.54 5.38
CA LEU A 180 23.88 23.92 5.88
C LEU A 180 25.31 24.41 5.60
N GLN A 181 25.44 25.40 4.71
CA GLN A 181 26.75 26.02 4.38
C GLN A 181 27.18 26.93 5.54
N SER A 182 28.43 27.36 5.55
CA SER A 182 29.00 28.24 6.61
C SER A 182 28.33 29.63 6.51
N SER A 183 27.69 29.93 5.39
CA SER A 183 26.86 31.15 5.18
C SER A 183 25.61 31.15 6.08
N GLY A 184 25.19 29.99 6.59
CA GLY A 184 23.96 29.84 7.40
C GLY A 184 22.73 29.55 6.56
N LEU A 185 22.89 29.28 5.25
CA LEU A 185 21.78 28.93 4.33
C LEU A 185 21.96 27.50 3.83
N TYR A 186 20.86 26.86 3.43
CA TYR A 186 20.87 25.47 2.90
C TYR A 186 21.13 25.48 1.39
N SER A 187 21.72 24.38 0.94
CA SER A 187 21.88 24.03 -0.48
C SER A 187 21.64 22.52 -0.64
N LEU A 188 20.94 22.12 -1.70
CA LEU A 188 20.89 20.70 -2.11
C LEU A 188 20.91 20.59 -3.63
N SER A 189 21.09 19.38 -4.11
CA SER A 189 21.05 19.03 -5.54
C SER A 189 19.99 17.96 -5.75
N SER A 190 19.41 17.95 -6.94
CA SER A 190 18.51 16.89 -7.42
C SER A 190 19.01 16.50 -8.79
N VAL A 191 19.17 15.21 -9.02
CA VAL A 191 19.80 14.67 -10.25
C VAL A 191 18.92 13.55 -10.78
N VAL A 192 19.16 13.19 -12.03
CA VAL A 192 18.37 12.14 -12.73
C VAL A 192 19.21 11.62 -13.89
N THR A 193 19.25 10.30 -13.99
CA THR A 193 19.97 9.57 -15.06
C THR A 193 18.93 9.12 -16.07
N VAL A 194 19.17 9.44 -17.33
CA VAL A 194 18.20 9.26 -18.44
C VAL A 194 18.98 8.68 -19.60
N PRO A 195 18.31 8.11 -20.61
CA PRO A 195 19.00 7.70 -21.83
C PRO A 195 19.61 8.92 -22.54
N SER A 196 20.83 8.77 -23.06
CA SER A 196 21.52 9.82 -23.84
C SER A 196 20.66 10.28 -25.03
N SER A 197 20.09 9.33 -25.78
CA SER A 197 19.34 9.58 -27.05
C SER A 197 18.07 10.43 -26.82
N SER A 198 17.79 10.88 -25.59
CA SER A 198 16.56 11.64 -25.24
C SER A 198 16.81 13.15 -25.18
N LEU A 199 18.06 13.58 -24.99
CA LEU A 199 18.44 15.01 -24.85
C LEU A 199 18.03 15.80 -26.10
N GLY A 200 17.92 15.13 -27.26
CA GLY A 200 17.52 15.74 -28.55
C GLY A 200 16.03 16.01 -28.65
N THR A 201 15.19 15.19 -28.02
CA THR A 201 13.71 15.18 -28.17
C THR A 201 12.98 15.48 -26.85
N GLN A 202 13.50 14.98 -25.72
CA GLN A 202 12.78 15.02 -24.42
C GLN A 202 13.07 16.35 -23.71
N THR A 203 12.06 16.95 -23.09
CA THR A 203 12.24 18.20 -22.30
C THR A 203 12.37 17.82 -20.83
N TYR A 204 13.37 18.38 -20.15
CA TYR A 204 13.66 18.09 -18.73
C TYR A 204 13.60 19.40 -17.94
N ILE A 205 12.55 19.55 -17.14
CA ILE A 205 12.36 20.73 -16.25
C ILE A 205 12.33 20.24 -14.81
N CYS A 206 13.00 20.95 -13.90
CA CYS A 206 12.88 20.69 -12.45
C CYS A 206 12.04 21.78 -11.79
N ASN A 207 11.09 21.36 -10.95
CA ASN A 207 10.12 22.22 -10.22
C ASN A 207 10.51 22.28 -8.75
N VAL A 208 10.89 23.46 -8.28
CA VAL A 208 11.38 23.67 -6.89
C VAL A 208 10.32 24.53 -6.18
N ASN A 209 9.75 23.99 -5.10
CA ASN A 209 8.74 24.70 -4.28
C ASN A 209 9.38 24.92 -2.90
N HIS A 210 9.53 26.17 -2.48
CA HIS A 210 9.96 26.54 -1.12
C HIS A 210 8.82 27.30 -0.45
N LYS A 211 8.04 26.61 0.38
CA LYS A 211 6.73 27.13 0.89
C LYS A 211 6.91 28.17 1.99
N PRO A 212 7.95 28.08 2.86
CA PRO A 212 8.23 29.15 3.82
C PRO A 212 8.48 30.55 3.22
N SER A 213 8.83 30.64 1.94
CA SER A 213 8.96 31.93 1.22
C SER A 213 7.92 32.04 0.10
N ASN A 214 7.00 31.07 -0.04
CA ASN A 214 6.01 31.04 -1.14
C ASN A 214 6.74 31.21 -2.48
N THR A 215 7.82 30.45 -2.66
CA THR A 215 8.67 30.50 -3.87
C THR A 215 8.36 29.27 -4.72
N LYS A 216 8.16 29.48 -6.02
CA LYS A 216 8.02 28.38 -7.00
C LYS A 216 8.91 28.72 -8.19
N VAL A 217 10.01 27.98 -8.38
CA VAL A 217 10.94 28.19 -9.52
C VAL A 217 10.88 26.92 -10.37
N ASP A 218 10.91 27.10 -11.68
CA ASP A 218 11.10 26.01 -12.66
C ASP A 218 12.37 26.32 -13.44
N LYS A 219 13.30 25.38 -13.53
CA LYS A 219 14.51 25.56 -14.35
C LYS A 219 14.52 24.52 -15.45
N ARG A 220 14.68 24.96 -16.69
CA ARG A 220 14.85 24.08 -17.86
C ARG A 220 16.31 23.64 -17.88
N VAL A 221 16.56 22.35 -18.03
CA VAL A 221 17.95 21.82 -18.04
C VAL A 221 18.26 21.38 -19.47
N GLU A 222 19.02 22.20 -20.19
CA GLU A 222 19.43 21.95 -21.59
C GLU A 222 20.89 21.49 -21.60
N PRO A 223 21.29 20.69 -22.61
CA PRO A 223 22.71 20.41 -22.84
C PRO A 223 23.42 21.67 -23.33
N LYS A 224 24.50 22.08 -22.64
CA LYS A 224 25.36 23.22 -23.04
C LYS A 224 26.31 22.75 -24.16
N ASP B 1 7.04 5.47 35.61
CA ASP B 1 6.42 4.11 35.42
C ASP B 1 6.77 3.59 34.01
N ILE B 2 7.16 2.32 33.90
CA ILE B 2 7.34 1.61 32.58
C ILE B 2 8.32 2.38 31.68
N GLN B 3 9.55 1.90 31.61
CA GLN B 3 10.55 2.37 30.62
C GLN B 3 10.52 1.35 29.49
N LEU B 4 10.79 1.79 28.27
CA LEU B 4 10.78 0.92 27.07
C LEU B 4 12.19 0.92 26.51
N THR B 5 12.82 -0.25 26.35
CA THR B 5 14.21 -0.34 25.83
C THR B 5 14.21 -1.16 24.55
N GLN B 6 14.58 -0.51 23.44
CA GLN B 6 14.57 -1.13 22.09
C GLN B 6 16.00 -1.44 21.69
N SER B 7 16.18 -2.61 21.08
CA SER B 7 17.47 -3.15 20.59
C SER B 7 17.20 -4.01 19.36
N PRO B 8 18.16 -4.14 18.41
CA PRO B 8 19.38 -3.33 18.42
C PRO B 8 19.02 -1.90 17.96
N SER B 9 19.97 -0.96 17.98
CA SER B 9 19.72 0.42 17.49
C SER B 9 19.98 0.44 15.99
N SER B 10 20.76 -0.51 15.47
CA SER B 10 21.12 -0.64 14.04
C SER B 10 21.29 -2.09 13.62
N LEU B 11 21.04 -2.34 12.35
CA LEU B 11 20.86 -3.69 11.81
C LEU B 11 21.21 -3.68 10.32
N SER B 12 21.76 -4.79 9.84
CA SER B 12 22.17 -4.95 8.42
C SER B 12 21.95 -6.39 7.98
N ALA B 13 21.13 -6.60 6.96
CA ALA B 13 20.78 -7.95 6.48
C ALA B 13 20.45 -7.93 4.99
N SER B 14 20.44 -9.11 4.38
CA SER B 14 20.27 -9.32 2.93
C SER B 14 18.79 -9.48 2.59
N VAL B 15 18.48 -9.36 1.30
CA VAL B 15 17.11 -9.52 0.76
C VAL B 15 16.73 -10.99 0.91
N GLY B 16 15.51 -11.23 1.41
CA GLY B 16 14.93 -12.56 1.63
C GLY B 16 15.35 -13.11 2.97
N ASP B 17 16.10 -12.35 3.76
CA ASP B 17 16.60 -12.79 5.09
C ASP B 17 15.59 -12.46 6.18
N SER B 18 15.78 -13.06 7.35
CA SER B 18 14.89 -12.93 8.52
C SER B 18 15.61 -12.12 9.59
N VAL B 19 15.01 -11.03 10.07
CA VAL B 19 15.59 -10.21 11.16
C VAL B 19 14.55 -10.02 12.28
N THR B 20 15.04 -9.70 13.49
CA THR B 20 14.22 -9.55 14.70
C THR B 20 14.64 -8.32 15.51
N ILE B 21 13.65 -7.53 15.93
CA ILE B 21 13.80 -6.30 16.75
C ILE B 21 13.17 -6.60 18.10
N THR B 22 13.78 -6.05 19.15
CA THR B 22 13.42 -6.36 20.55
C THR B 22 12.92 -5.10 21.26
N CYS B 23 11.82 -5.24 21.98
CA CYS B 23 11.26 -4.20 22.87
C CYS B 23 11.09 -4.83 24.25
N ARG B 24 11.89 -4.41 25.24
CA ARG B 24 11.72 -4.83 26.65
C ARG B 24 11.10 -3.70 27.45
N ALA B 25 10.07 -4.01 28.24
CA ALA B 25 9.45 -3.08 29.19
C ALA B 25 10.01 -3.34 30.58
N SER B 26 10.03 -2.33 31.44
CA SER B 26 10.44 -2.45 32.86
C SER B 26 9.30 -3.05 33.70
N GLN B 27 8.12 -3.27 33.11
CA GLN B 27 6.87 -3.65 33.82
C GLN B 27 5.76 -4.02 32.82
N GLY B 28 4.85 -4.89 33.26
CA GLY B 28 3.66 -5.29 32.48
C GLY B 28 2.73 -4.12 32.21
N PHE B 29 2.14 -4.07 31.02
CA PHE B 29 1.13 -3.06 30.61
C PHE B 29 0.07 -3.72 29.70
N GLY B 30 -0.24 -4.99 29.94
CA GLY B 30 -1.37 -5.72 29.32
C GLY B 30 -1.23 -5.90 27.81
N ASN B 31 -0.01 -5.84 27.27
CA ASN B 31 0.32 -6.22 25.86
C ASN B 31 -0.18 -5.15 24.88
N TYR B 32 -0.58 -3.97 25.34
CA TYR B 32 -0.99 -2.88 24.41
C TYR B 32 0.29 -2.29 23.84
N LEU B 33 0.90 -3.02 22.91
CA LEU B 33 2.16 -2.59 22.26
C LEU B 33 1.99 -2.62 20.75
N ALA B 34 2.30 -1.50 20.10
CA ALA B 34 2.24 -1.30 18.65
C ALA B 34 3.66 -1.24 18.08
N TRP B 35 3.79 -1.63 16.82
CA TRP B 35 5.04 -1.49 16.02
C TRP B 35 4.74 -0.58 14.84
N TYR B 36 5.59 0.45 14.67
CA TYR B 36 5.52 1.42 13.54
C TYR B 36 6.78 1.30 12.68
N GLN B 37 6.59 1.43 11.37
CA GLN B 37 7.65 1.68 10.37
C GLN B 37 7.66 3.17 10.02
N GLN B 38 8.84 3.78 9.93
CA GLN B 38 9.00 5.14 9.33
C GLN B 38 10.09 5.07 8.25
N ARG B 39 9.66 5.14 7.00
CA ARG B 39 10.56 5.05 5.82
C ARG B 39 11.11 6.45 5.54
N PRO B 40 12.25 6.56 4.81
CA PRO B 40 12.89 7.85 4.60
C PRO B 40 11.96 8.87 3.93
N GLY B 41 11.78 10.04 4.56
CA GLY B 41 10.90 11.11 4.08
C GLY B 41 9.40 10.81 4.19
N LYS B 42 8.99 9.86 5.04
CA LYS B 42 7.55 9.49 5.18
C LYS B 42 7.09 9.67 6.62
N VAL B 43 5.78 9.75 6.81
CA VAL B 43 5.14 9.73 8.16
C VAL B 43 5.15 8.29 8.67
N PRO B 44 5.20 8.07 10.00
CA PRO B 44 5.10 6.73 10.56
C PRO B 44 3.82 6.03 10.14
N GLU B 45 3.85 4.70 10.19
CA GLU B 45 2.76 3.81 9.76
C GLU B 45 2.76 2.57 10.66
N VAL B 46 1.61 2.24 11.22
CA VAL B 46 1.50 1.09 12.15
C VAL B 46 1.59 -0.21 11.34
N LEU B 47 2.31 -1.17 11.89
CA LEU B 47 2.45 -2.54 11.33
C LEU B 47 1.67 -3.49 12.24
N ILE B 48 1.94 -3.43 13.54
CA ILE B 48 1.44 -4.43 14.51
C ILE B 48 0.78 -3.66 15.64
N TYR B 49 -0.29 -4.23 16.18
CA TYR B 49 -0.92 -3.73 17.43
C TYR B 49 -1.27 -4.94 18.29
N ALA B 50 -1.61 -4.69 19.56
CA ALA B 50 -2.00 -5.72 20.55
C ALA B 50 -0.91 -6.80 20.59
N ALA B 51 0.35 -6.38 20.53
CA ALA B 51 1.58 -7.19 20.55
C ALA B 51 1.77 -8.05 19.30
N THR B 52 0.70 -8.65 18.74
CA THR B 52 0.83 -9.75 17.75
C THR B 52 -0.16 -9.63 16.59
N THR B 53 -1.01 -8.63 16.53
CA THR B 53 -1.97 -8.50 15.42
C THR B 53 -1.33 -7.72 14.26
N LEU B 54 -1.35 -8.31 13.07
CA LEU B 54 -0.88 -7.64 11.82
C LEU B 54 -1.97 -6.65 11.36
N GLN B 55 -1.64 -5.37 11.21
CA GLN B 55 -2.58 -4.35 10.68
C GLN B 55 -3.00 -4.78 9.28
N SER B 56 -4.25 -4.54 8.91
CA SER B 56 -4.79 -4.84 7.56
C SER B 56 -4.00 -4.04 6.50
N GLY B 57 -3.66 -4.68 5.38
CA GLY B 57 -2.91 -4.07 4.25
C GLY B 57 -1.41 -4.13 4.44
N VAL B 58 -0.93 -4.58 5.60
CA VAL B 58 0.54 -4.67 5.90
C VAL B 58 1.04 -6.02 5.39
N PRO B 59 2.19 -6.06 4.66
CA PRO B 59 2.70 -7.30 4.08
C PRO B 59 2.89 -8.43 5.10
N SER B 60 2.71 -9.67 4.65
CA SER B 60 2.62 -10.89 5.49
C SER B 60 3.95 -11.19 6.19
N ARG B 61 5.07 -10.68 5.66
CA ARG B 61 6.42 -10.94 6.20
C ARG B 61 6.61 -10.26 7.57
N PHE B 62 5.67 -9.42 8.00
CA PHE B 62 5.73 -8.76 9.32
C PHE B 62 4.97 -9.61 10.35
N SER B 63 5.57 -9.77 11.51
CA SER B 63 4.98 -10.56 12.61
C SER B 63 5.54 -10.07 13.95
N GLY B 64 4.64 -9.92 14.90
CA GLY B 64 4.93 -9.59 16.29
C GLY B 64 4.75 -10.81 17.16
N SER B 65 5.53 -10.90 18.22
CA SER B 65 5.28 -11.89 19.30
C SER B 65 5.81 -11.35 20.62
N GLY B 66 5.52 -12.10 21.68
CA GLY B 66 5.90 -11.79 23.07
C GLY B 66 4.70 -11.39 23.89
N SER B 67 4.95 -11.08 25.16
CA SER B 67 3.94 -10.62 26.15
C SER B 67 4.67 -10.22 27.45
N GLY B 68 3.90 -9.73 28.43
CA GLY B 68 4.44 -9.24 29.71
C GLY B 68 5.37 -8.08 29.44
N THR B 69 6.69 -8.33 29.42
CA THR B 69 7.73 -7.27 29.29
C THR B 69 8.68 -7.53 28.12
N ASP B 70 8.49 -8.59 27.33
CA ASP B 70 9.45 -8.95 26.25
C ASP B 70 8.68 -9.08 24.94
N PHE B 71 8.98 -8.23 23.96
CA PHE B 71 8.29 -8.19 22.65
C PHE B 71 9.29 -8.18 21.50
N THR B 72 8.80 -8.64 20.35
CA THR B 72 9.61 -8.96 19.17
C THR B 72 8.87 -8.54 17.91
N LEU B 73 9.57 -7.88 16.99
CA LEU B 73 9.10 -7.67 15.60
C LEU B 73 10.00 -8.48 14.69
N THR B 74 9.42 -9.32 13.83
CA THR B 74 10.19 -10.17 12.88
C THR B 74 9.79 -9.83 11.45
N ILE B 75 10.82 -9.69 10.62
CA ILE B 75 10.68 -9.55 9.15
C ILE B 75 11.28 -10.81 8.53
N SER B 76 10.45 -11.67 7.93
CA SER B 76 10.80 -13.07 7.61
C SER B 76 11.41 -13.16 6.20
N SER B 77 11.34 -12.08 5.41
CA SER B 77 11.75 -12.08 3.99
C SER B 77 12.00 -10.63 3.56
N LEU B 78 13.11 -10.07 4.04
CA LEU B 78 13.50 -8.63 3.92
C LEU B 78 13.42 -8.19 2.45
N GLN B 79 12.82 -7.02 2.23
CA GLN B 79 12.76 -6.39 0.88
C GLN B 79 13.51 -5.06 0.90
N PRO B 80 14.00 -4.56 -0.25
CA PRO B 80 14.63 -3.25 -0.30
C PRO B 80 13.85 -2.10 0.37
N GLU B 81 12.56 -1.99 0.13
CA GLU B 81 11.71 -0.86 0.64
C GLU B 81 11.53 -0.92 2.16
N ASP B 82 11.93 -1.99 2.85
CA ASP B 82 11.92 -2.10 4.33
C ASP B 82 13.09 -1.33 4.97
N VAL B 83 13.94 -0.68 4.18
CA VAL B 83 14.92 0.28 4.73
C VAL B 83 14.10 1.38 5.40
N ALA B 84 14.23 1.49 6.72
CA ALA B 84 13.40 2.37 7.57
C ALA B 84 13.90 2.33 9.02
N THR B 85 13.32 3.19 9.86
CA THR B 85 13.48 3.12 11.33
C THR B 85 12.22 2.49 11.89
N TYR B 86 12.35 1.53 12.79
CA TYR B 86 11.22 0.81 13.40
C TYR B 86 11.06 1.25 14.85
N TYR B 87 9.82 1.36 15.32
CA TYR B 87 9.53 1.89 16.67
C TYR B 87 8.51 1.00 17.36
N CYS B 88 8.73 0.68 18.62
CA CYS B 88 7.71 0.08 19.52
C CYS B 88 7.07 1.20 20.32
N GLN B 89 5.80 1.03 20.67
CA GLN B 89 5.01 2.02 21.45
C GLN B 89 4.06 1.29 22.39
N LYS B 90 3.94 1.80 23.61
CA LYS B 90 2.87 1.39 24.56
C LYS B 90 1.69 2.32 24.36
N TYR B 91 0.47 1.78 24.27
CA TYR B 91 -0.78 2.57 24.13
C TYR B 91 -1.85 2.08 25.12
N ASN B 92 -1.43 1.45 26.21
CA ASN B 92 -2.36 1.04 27.30
C ASN B 92 -2.96 2.29 27.94
N SER B 93 -2.17 3.35 28.10
CA SER B 93 -2.54 4.61 28.79
C SER B 93 -1.45 5.65 28.51
N ALA B 94 -1.64 6.88 28.98
CA ALA B 94 -0.62 7.94 28.91
C ALA B 94 0.42 7.69 30.00
N PRO B 95 1.73 7.93 29.77
CA PRO B 95 2.23 8.44 28.49
C PRO B 95 2.36 7.35 27.41
N PHE B 96 2.13 7.71 26.16
CA PHE B 96 2.22 6.79 25.01
C PHE B 96 3.67 6.67 24.55
N THR B 97 4.56 6.16 25.41
CA THR B 97 6.02 6.18 25.21
C THR B 97 6.41 5.43 23.93
N PHE B 98 7.35 6.01 23.19
CA PHE B 98 8.02 5.36 22.03
C PHE B 98 9.37 4.75 22.46
N GLY B 99 9.72 3.63 21.83
CA GLY B 99 11.08 3.08 21.85
C GLY B 99 12.08 3.99 21.15
N GLN B 100 13.36 3.71 21.33
CA GLN B 100 14.49 4.52 20.82
C GLN B 100 14.53 4.41 19.29
N GLY B 101 14.02 3.33 18.73
CA GLY B 101 13.97 3.15 17.27
C GLY B 101 15.11 2.25 16.83
N THR B 102 14.91 1.51 15.76
CA THR B 102 15.88 0.54 15.23
C THR B 102 16.05 0.82 13.74
N ARG B 103 17.25 1.16 13.31
CA ARG B 103 17.43 1.50 11.88
C ARG B 103 17.88 0.24 11.14
N LEU B 104 17.28 -0.01 9.98
CA LEU B 104 17.54 -1.22 9.18
C LEU B 104 18.16 -0.81 7.85
N GLU B 105 19.28 -1.45 7.52
CA GLU B 105 20.00 -1.31 6.23
C GLU B 105 19.99 -2.65 5.48
N ILE B 106 20.05 -2.57 4.16
CA ILE B 106 20.10 -3.76 3.28
C ILE B 106 21.55 -3.99 2.94
N LYS B 107 22.06 -5.16 3.29
CA LYS B 107 23.39 -5.58 2.79
C LYS B 107 23.16 -6.21 1.42
N ARG B 108 23.83 -5.68 0.42
CA ARG B 108 23.71 -6.20 -0.96
C ARG B 108 25.13 -6.39 -1.51
N THR B 109 25.19 -6.68 -2.79
CA THR B 109 26.42 -7.01 -3.52
C THR B 109 27.15 -5.68 -3.83
N VAL B 110 28.48 -5.71 -3.80
CA VAL B 110 29.32 -4.49 -4.00
C VAL B 110 29.02 -3.91 -5.39
N ALA B 111 28.91 -2.58 -5.50
CA ALA B 111 28.67 -1.85 -6.77
C ALA B 111 29.48 -0.54 -6.80
N ALA B 112 30.21 -0.34 -7.88
CA ALA B 112 31.04 0.87 -8.09
C ALA B 112 30.14 2.05 -8.44
N PRO B 113 30.54 3.27 -8.04
CA PRO B 113 29.82 4.47 -8.48
C PRO B 113 30.10 4.84 -9.94
N SER B 114 29.07 5.32 -10.63
CA SER B 114 29.18 6.10 -11.89
C SER B 114 29.41 7.56 -11.51
N VAL B 115 30.46 8.17 -12.04
CA VAL B 115 30.89 9.54 -11.65
C VAL B 115 30.58 10.49 -12.80
N PHE B 116 29.91 11.59 -12.47
CA PHE B 116 29.63 12.73 -13.39
C PHE B 116 30.12 14.02 -12.75
N ILE B 117 30.61 14.95 -13.57
CA ILE B 117 31.06 16.28 -13.07
C ILE B 117 30.28 17.37 -13.80
N PHE B 118 29.88 18.42 -13.07
CA PHE B 118 29.04 19.53 -13.57
C PHE B 118 29.75 20.85 -13.32
N PRO B 119 30.08 21.61 -14.38
CA PRO B 119 30.62 22.96 -14.22
C PRO B 119 29.58 23.90 -13.62
N PRO B 120 30.01 25.02 -13.02
CA PRO B 120 29.10 26.11 -12.68
C PRO B 120 28.34 26.61 -13.92
N SER B 121 27.08 26.99 -13.75
CA SER B 121 26.25 27.65 -14.79
C SER B 121 26.74 29.09 -14.98
N ASP B 122 26.70 29.61 -16.22
CA ASP B 122 26.96 31.04 -16.52
C ASP B 122 26.14 31.89 -15.54
N GLU B 123 24.90 31.45 -15.32
CA GLU B 123 23.89 32.13 -14.47
C GLU B 123 24.50 32.40 -13.08
N GLN B 124 25.06 31.39 -12.43
CA GLN B 124 25.54 31.49 -11.04
C GLN B 124 26.71 32.46 -10.94
N LEU B 125 27.56 32.54 -11.96
CA LEU B 125 28.84 33.31 -11.88
C LEU B 125 28.56 34.77 -11.55
N LYS B 126 27.36 35.28 -11.80
CA LYS B 126 27.01 36.71 -11.60
C LYS B 126 26.86 37.01 -10.10
N SER B 127 26.70 35.98 -9.27
CA SER B 127 26.54 36.10 -7.80
C SER B 127 27.91 36.22 -7.12
N GLY B 128 28.99 35.97 -7.86
CA GLY B 128 30.38 35.97 -7.33
C GLY B 128 30.84 34.58 -6.89
N THR B 129 29.98 33.57 -7.02
CA THR B 129 30.28 32.19 -6.54
C THR B 129 30.19 31.22 -7.72
N ALA B 130 31.04 30.20 -7.69
CA ALA B 130 31.01 29.05 -8.60
C ALA B 130 30.89 27.76 -7.78
N SER B 131 29.86 26.96 -8.07
CA SER B 131 29.62 25.63 -7.47
C SER B 131 29.92 24.56 -8.53
N VAL B 132 31.02 23.83 -8.35
CA VAL B 132 31.37 22.64 -9.16
C VAL B 132 30.77 21.43 -8.44
N VAL B 133 30.06 20.58 -9.17
CA VAL B 133 29.41 19.40 -8.55
C VAL B 133 29.96 18.11 -9.14
N CYS B 134 30.12 17.12 -8.28
CA CYS B 134 30.61 15.76 -8.57
C CYS B 134 29.53 14.83 -8.05
N LEU B 135 28.89 14.10 -8.95
CA LEU B 135 27.88 13.07 -8.61
C LEU B 135 28.55 11.69 -8.65
N LEU B 136 28.47 10.97 -7.53
CA LEU B 136 28.75 9.52 -7.42
C LEU B 136 27.40 8.80 -7.39
N ASN B 137 27.01 8.12 -8.47
CA ASN B 137 25.67 7.50 -8.59
C ASN B 137 25.73 5.98 -8.34
N ASN B 138 24.80 5.48 -7.52
CA ASN B 138 24.34 4.06 -7.48
C ASN B 138 25.48 3.15 -7.06
N PHE B 139 26.04 3.38 -5.87
CA PHE B 139 27.17 2.59 -5.33
C PHE B 139 26.78 1.95 -4.00
N TYR B 140 27.50 0.88 -3.66
CA TYR B 140 27.41 0.15 -2.37
C TYR B 140 28.77 -0.51 -2.16
N PRO B 141 29.40 -0.46 -0.96
CA PRO B 141 28.78 0.09 0.25
C PRO B 141 28.88 1.62 0.33
N ARG B 142 28.43 2.15 1.46
CA ARG B 142 28.19 3.60 1.69
C ARG B 142 29.52 4.37 1.72
N GLU B 143 30.62 3.73 2.13
CA GLU B 143 31.92 4.39 2.33
C GLU B 143 32.50 4.72 0.94
N ALA B 144 32.70 6.00 0.67
CA ALA B 144 33.32 6.51 -0.58
C ALA B 144 34.22 7.69 -0.20
N LYS B 145 35.10 8.14 -1.10
CA LYS B 145 35.91 9.35 -0.82
C LYS B 145 36.09 10.15 -2.12
N VAL B 146 35.96 11.47 -2.00
CA VAL B 146 36.02 12.43 -3.15
C VAL B 146 37.13 13.43 -2.86
N GLN B 147 38.10 13.54 -3.77
CA GLN B 147 39.18 14.54 -3.66
C GLN B 147 39.14 15.46 -4.89
N TRP B 148 39.03 16.76 -4.64
CA TRP B 148 38.95 17.82 -5.69
C TRP B 148 40.36 18.26 -6.06
N LYS B 149 40.58 18.48 -7.36
CA LYS B 149 41.83 19.09 -7.86
C LYS B 149 41.47 20.26 -8.78
N VAL B 150 42.16 21.37 -8.60
CA VAL B 150 42.08 22.58 -9.48
C VAL B 150 43.49 22.84 -9.99
N ASP B 151 43.74 22.56 -11.27
CA ASP B 151 45.10 22.56 -11.86
C ASP B 151 46.00 21.65 -11.02
N ASN B 152 45.50 20.48 -10.59
CA ASN B 152 46.28 19.42 -9.91
C ASN B 152 46.57 19.76 -8.44
N ALA B 153 46.44 21.02 -7.99
CA ALA B 153 46.46 21.34 -6.54
C ALA B 153 45.23 20.69 -5.86
N LEU B 154 45.45 19.72 -4.98
CA LEU B 154 44.35 19.11 -4.19
C LEU B 154 43.70 20.19 -3.34
N GLN B 155 42.37 20.15 -3.18
CA GLN B 155 41.58 21.15 -2.43
C GLN B 155 41.27 20.64 -1.02
N SER B 156 41.07 21.57 -0.09
CA SER B 156 40.70 21.29 1.31
C SER B 156 39.92 22.49 1.87
N GLY B 157 38.90 22.21 2.68
CA GLY B 157 38.16 23.23 3.46
C GLY B 157 37.10 23.96 2.64
N ASN B 158 36.96 23.66 1.34
CA ASN B 158 36.08 24.45 0.44
C ASN B 158 35.09 23.54 -0.30
N SER B 159 34.66 22.44 0.31
CA SER B 159 33.70 21.51 -0.32
C SER B 159 32.81 20.83 0.71
N GLN B 160 31.67 20.29 0.26
CA GLN B 160 30.67 19.61 1.12
C GLN B 160 30.05 18.43 0.35
N GLU B 161 29.84 17.33 1.07
CA GLU B 161 29.28 16.07 0.55
C GLU B 161 27.93 15.82 1.20
N SER B 162 27.02 15.18 0.47
CA SER B 162 25.67 14.83 0.92
C SER B 162 25.34 13.44 0.38
N VAL B 163 24.89 12.53 1.24
CA VAL B 163 24.57 11.13 0.81
C VAL B 163 23.06 10.96 0.81
N THR B 164 22.53 10.29 -0.22
CA THR B 164 21.11 9.87 -0.25
C THR B 164 20.88 8.72 0.73
N GLU B 165 19.64 8.52 1.15
CA GLU B 165 19.25 7.32 1.92
C GLU B 165 19.38 6.14 0.98
N GLN B 166 19.55 4.94 1.51
CA GLN B 166 19.61 3.71 0.69
C GLN B 166 18.36 3.63 -0.20
N ASP B 167 18.52 3.55 -1.51
CA ASP B 167 17.40 3.47 -2.49
C ASP B 167 16.50 2.28 -2.12
N SER B 168 15.19 2.50 -2.14
CA SER B 168 14.18 1.50 -1.73
C SER B 168 13.89 0.52 -2.89
N LYS B 169 14.78 0.38 -3.87
CA LYS B 169 14.58 -0.57 -5.01
C LYS B 169 15.86 -1.36 -5.33
N ASP B 170 17.04 -0.73 -5.32
CA ASP B 170 18.32 -1.42 -5.65
C ASP B 170 19.28 -1.35 -4.47
N SER B 171 18.90 -0.67 -3.38
CA SER B 171 19.64 -0.67 -2.09
C SER B 171 21.01 0.00 -2.24
N THR B 172 21.18 0.88 -3.23
CA THR B 172 22.47 1.57 -3.45
C THR B 172 22.41 2.95 -2.82
N TYR B 173 23.56 3.64 -2.78
CA TYR B 173 23.68 5.04 -2.32
C TYR B 173 24.04 5.92 -3.52
N SER B 174 23.72 7.22 -3.40
CA SER B 174 24.31 8.28 -4.26
C SER B 174 24.86 9.37 -3.35
N LEU B 175 25.88 10.07 -3.83
CA LEU B 175 26.61 11.11 -3.06
C LEU B 175 26.87 12.29 -4.00
N SER B 176 26.78 13.50 -3.45
CA SER B 176 27.09 14.76 -4.17
CA SER B 176 27.10 14.75 -4.18
C SER B 176 28.22 15.48 -3.44
N SER B 177 29.23 15.91 -4.18
CA SER B 177 30.32 16.75 -3.64
C SER B 177 30.30 18.10 -4.36
N THR B 178 30.09 19.18 -3.60
CA THR B 178 30.08 20.57 -4.11
C THR B 178 31.39 21.26 -3.71
N LEU B 179 32.17 21.68 -4.71
CA LEU B 179 33.32 22.58 -4.50
C LEU B 179 32.83 24.03 -4.68
N THR B 180 33.06 24.89 -3.70
CA THR B 180 32.60 26.29 -3.73
C THR B 180 33.81 27.21 -3.84
N LEU B 181 33.85 28.02 -4.89
CA LEU B 181 34.95 28.97 -5.19
C LEU B 181 34.39 30.37 -5.41
N SER B 182 35.21 31.40 -5.20
CA SER B 182 34.99 32.78 -5.72
C SER B 182 35.03 32.78 -7.25
N LYS B 183 34.32 33.71 -7.87
CA LYS B 183 34.30 33.84 -9.34
C LYS B 183 35.73 34.10 -9.81
N ALA B 184 36.48 34.94 -9.09
CA ALA B 184 37.89 35.31 -9.42
C ALA B 184 38.75 34.03 -9.48
N ASP B 185 38.63 33.18 -8.45
CA ASP B 185 39.35 31.89 -8.33
C ASP B 185 38.91 30.95 -9.45
N TYR B 186 37.60 30.84 -9.71
CA TYR B 186 37.09 29.89 -10.73
C TYR B 186 37.62 30.25 -12.11
N GLU B 187 37.69 31.53 -12.46
CA GLU B 187 38.16 32.00 -13.80
C GLU B 187 39.69 32.19 -13.82
N LYS B 188 40.36 32.06 -12.68
CA LYS B 188 41.85 32.01 -12.58
C LYS B 188 42.39 30.70 -13.17
N HIS B 189 41.68 29.57 -13.01
CA HIS B 189 42.19 28.20 -13.24
C HIS B 189 41.39 27.49 -14.34
N LYS B 190 41.90 26.37 -14.86
CA LYS B 190 41.46 25.75 -16.14
C LYS B 190 40.82 24.37 -15.88
N VAL B 191 41.54 23.49 -15.20
CA VAL B 191 41.23 22.02 -15.14
C VAL B 191 40.59 21.73 -13.78
N TYR B 192 39.33 21.31 -13.77
CA TYR B 192 38.57 20.98 -12.54
C TYR B 192 38.27 19.49 -12.56
N ALA B 193 38.66 18.78 -11.50
CA ALA B 193 38.60 17.30 -11.47
C ALA B 193 38.21 16.81 -10.08
N CYS B 194 37.44 15.74 -10.01
CA CYS B 194 37.18 15.01 -8.74
C CYS B 194 37.59 13.56 -8.91
N GLU B 195 38.25 13.06 -7.87
CA GLU B 195 38.90 11.74 -7.83
C GLU B 195 38.17 10.93 -6.77
N VAL B 196 37.61 9.81 -7.19
CA VAL B 196 36.70 8.99 -6.36
C VAL B 196 37.41 7.70 -6.01
N THR B 197 37.47 7.39 -4.72
CA THR B 197 37.93 6.09 -4.20
C THR B 197 36.74 5.38 -3.54
N HIS B 198 36.55 4.11 -3.88
CA HIS B 198 35.45 3.26 -3.38
C HIS B 198 35.89 1.80 -3.50
N GLN B 199 35.35 0.91 -2.67
CA GLN B 199 35.88 -0.46 -2.58
C GLN B 199 35.52 -1.26 -3.84
N GLY B 200 34.58 -0.81 -4.67
CA GLY B 200 34.27 -1.43 -5.97
C GLY B 200 35.15 -0.93 -7.12
N LEU B 201 36.12 -0.06 -6.84
CA LEU B 201 37.05 0.50 -7.86
C LEU B 201 38.46 -0.01 -7.56
N SER B 202 39.12 -0.57 -8.57
CA SER B 202 40.48 -1.16 -8.50
C SER B 202 41.50 -0.06 -8.20
N SER B 203 41.28 1.12 -8.78
CA SER B 203 42.08 2.35 -8.56
C SER B 203 41.15 3.56 -8.64
N PRO B 204 41.51 4.70 -8.01
CA PRO B 204 40.72 5.94 -8.11
C PRO B 204 40.23 6.29 -9.53
N VAL B 205 38.97 6.69 -9.65
CA VAL B 205 38.37 7.15 -10.93
C VAL B 205 38.26 8.67 -10.88
N THR B 206 38.79 9.37 -11.89
CA THR B 206 38.79 10.85 -11.97
C THR B 206 37.85 11.29 -13.09
N LYS B 207 37.04 12.29 -12.84
CA LYS B 207 36.30 13.02 -13.89
C LYS B 207 36.70 14.49 -13.84
N SER B 208 36.91 15.09 -15.00
CA SER B 208 37.41 16.47 -15.12
C SER B 208 36.77 17.15 -16.31
N PHE B 209 36.76 18.48 -16.29
CA PHE B 209 36.39 19.30 -17.45
C PHE B 209 37.37 20.47 -17.51
N ASN B 210 37.45 21.04 -18.69
CA ASN B 210 38.32 22.21 -18.97
C ASN B 210 37.41 23.44 -18.99
N ARG B 211 37.69 24.43 -18.15
CA ARG B 211 36.87 25.68 -18.16
C ARG B 211 36.89 26.29 -19.57
N GLY B 212 35.74 26.82 -19.98
CA GLY B 212 35.45 27.23 -21.37
C GLY B 212 34.71 26.12 -22.06
N GLU B 213 35.45 25.18 -22.64
CA GLU B 213 34.91 23.98 -23.36
C GLU B 213 34.34 22.96 -22.36
N GLN C 1 -7.07 10.30 -0.31
CA GLN C 1 -8.48 10.76 -0.02
C GLN C 1 -9.39 10.70 -1.26
N VAL C 2 -8.86 10.41 -2.44
CA VAL C 2 -9.66 10.16 -3.68
C VAL C 2 -10.47 8.88 -3.47
N GLN C 3 -11.70 8.85 -4.00
CA GLN C 3 -12.63 7.74 -3.71
C GLN C 3 -13.72 7.70 -4.79
N LEU C 4 -14.07 6.50 -5.25
CA LEU C 4 -15.25 6.30 -6.13
C LEU C 4 -16.15 5.30 -5.41
N VAL C 5 -17.38 5.68 -5.09
CA VAL C 5 -18.35 4.78 -4.42
C VAL C 5 -19.47 4.49 -5.41
N GLN C 6 -19.73 3.23 -5.70
CA GLN C 6 -20.77 2.80 -6.67
C GLN C 6 -22.06 2.44 -5.93
N SER C 7 -23.15 2.35 -6.69
CA SER C 7 -24.48 1.95 -6.20
C SER C 7 -24.46 0.46 -5.82
N GLY C 8 -25.42 0.04 -5.00
CA GLY C 8 -25.56 -1.34 -4.53
C GLY C 8 -25.74 -2.33 -5.67
N ALA C 9 -25.44 -3.60 -5.42
CA ALA C 9 -25.73 -4.74 -6.32
C ALA C 9 -27.24 -4.78 -6.56
N GLU C 10 -27.66 -5.27 -7.73
CA GLU C 10 -29.10 -5.45 -8.06
C GLU C 10 -29.27 -6.57 -9.07
N VAL C 11 -30.52 -6.99 -9.23
CA VAL C 11 -30.94 -7.99 -10.25
C VAL C 11 -31.95 -7.29 -11.16
N GLN C 12 -31.89 -7.58 -12.45
CA GLN C 12 -32.86 -7.07 -13.46
C GLN C 12 -33.23 -8.22 -14.38
N LYS C 13 -34.45 -8.20 -14.90
CA LYS C 13 -34.94 -9.25 -15.81
C LYS C 13 -34.15 -9.16 -17.13
N PRO C 14 -34.00 -10.28 -17.87
CA PRO C 14 -33.47 -10.24 -19.23
C PRO C 14 -34.29 -9.29 -20.11
N GLY C 15 -33.66 -8.70 -21.12
CA GLY C 15 -34.30 -7.70 -22.00
C GLY C 15 -34.47 -6.33 -21.36
N ALA C 16 -34.36 -6.21 -20.02
CA ALA C 16 -34.52 -4.94 -19.27
C ALA C 16 -33.20 -4.17 -19.29
N SER C 17 -33.16 -3.04 -18.57
CA SER C 17 -31.94 -2.20 -18.49
C SER C 17 -31.54 -1.99 -17.02
N VAL C 18 -30.26 -1.72 -16.81
CA VAL C 18 -29.71 -1.40 -15.48
C VAL C 18 -28.93 -0.09 -15.60
N LYS C 19 -28.94 0.70 -14.54
CA LYS C 19 -28.21 1.98 -14.46
C LYS C 19 -27.40 1.95 -13.17
N VAL C 20 -26.08 2.01 -13.28
CA VAL C 20 -25.15 1.97 -12.12
C VAL C 20 -24.60 3.38 -11.89
N SER C 21 -24.56 3.80 -10.64
CA SER C 21 -24.04 5.12 -10.19
C SER C 21 -22.57 5.00 -9.76
N CYS C 22 -21.82 6.10 -9.80
CA CYS C 22 -20.39 6.14 -9.38
C CYS C 22 -20.07 7.54 -8.88
N LYS C 23 -20.13 7.75 -7.57
CA LYS C 23 -19.95 9.07 -6.95
C LYS C 23 -18.47 9.28 -6.65
N ALA C 24 -17.92 10.42 -7.07
CA ALA C 24 -16.48 10.74 -6.94
C ALA C 24 -16.29 11.79 -5.84
N SER C 25 -15.22 11.66 -5.07
CA SER C 25 -14.86 12.65 -4.02
C SER C 25 -13.34 12.65 -3.79
N GLY C 26 -12.84 13.78 -3.28
CA GLY C 26 -11.43 13.98 -2.93
C GLY C 26 -10.61 14.46 -4.11
N TYR C 27 -11.25 14.92 -5.20
CA TYR C 27 -10.59 15.56 -6.36
C TYR C 27 -11.61 16.36 -7.19
N THR C 28 -11.14 17.16 -8.14
CA THR C 28 -12.02 17.88 -9.08
C THR C 28 -12.59 16.88 -10.09
N PHE C 29 -13.87 16.55 -9.95
CA PHE C 29 -14.57 15.52 -10.78
C PHE C 29 -14.49 15.84 -12.27
N ALA C 30 -14.78 17.09 -12.64
CA ALA C 30 -14.95 17.53 -14.04
C ALA C 30 -13.63 17.46 -14.84
N SER C 31 -12.47 17.47 -14.18
CA SER C 31 -11.13 17.52 -14.82
C SER C 31 -10.72 16.16 -15.43
N TYR C 32 -11.34 15.05 -15.05
CA TYR C 32 -10.84 13.68 -15.38
C TYR C 32 -11.95 12.75 -15.86
N ASP C 33 -11.65 12.00 -16.92
CA ASP C 33 -12.56 10.97 -17.49
C ASP C 33 -12.90 9.89 -16.44
N ILE C 34 -14.03 9.26 -16.65
CA ILE C 34 -14.42 8.02 -15.94
C ILE C 34 -14.44 6.92 -16.99
N ASN C 35 -13.75 5.82 -16.70
CA ASN C 35 -13.83 4.58 -17.54
C ASN C 35 -14.68 3.53 -16.83
N TRP C 36 -15.31 2.67 -17.62
CA TRP C 36 -16.13 1.55 -17.09
C TRP C 36 -15.54 0.23 -17.57
N VAL C 37 -15.41 -0.70 -16.63
CA VAL C 37 -14.79 -2.04 -16.83
C VAL C 37 -15.73 -3.07 -16.20
N ARG C 38 -15.85 -4.24 -16.80
CA ARG C 38 -16.66 -5.30 -16.16
C ARG C 38 -15.86 -6.58 -16.11
N GLN C 39 -16.16 -7.42 -15.11
CA GLN C 39 -15.62 -8.79 -14.97
C GLN C 39 -16.81 -9.74 -14.88
N ALA C 40 -17.03 -10.55 -15.92
CA ALA C 40 -18.16 -11.52 -15.97
C ALA C 40 -17.75 -12.81 -15.22
N THR C 41 -18.72 -13.67 -14.89
CA THR C 41 -18.46 -14.92 -14.13
C THR C 41 -17.53 -15.80 -15.00
N GLY C 42 -16.29 -15.97 -14.53
CA GLY C 42 -15.24 -16.77 -15.20
C GLY C 42 -14.59 -16.07 -16.41
N GLN C 43 -14.43 -14.75 -16.37
CA GLN C 43 -13.65 -13.99 -17.40
C GLN C 43 -12.65 -13.04 -16.73
N GLY C 44 -11.81 -12.43 -17.57
CA GLY C 44 -10.95 -11.30 -17.22
C GLY C 44 -11.69 -9.97 -17.26
N LEU C 45 -10.99 -8.91 -16.84
CA LEU C 45 -11.42 -7.49 -16.96
C LEU C 45 -11.69 -7.20 -18.42
N GLU C 46 -12.82 -6.60 -18.70
CA GLU C 46 -13.24 -6.24 -20.08
C GLU C 46 -13.60 -4.75 -20.06
N TRP C 47 -12.81 -3.94 -20.75
CA TRP C 47 -13.06 -2.48 -20.85
C TRP C 47 -14.33 -2.24 -21.69
N MET C 48 -15.15 -1.28 -21.27
CA MET C 48 -16.47 -1.01 -21.90
C MET C 48 -16.50 0.36 -22.59
N GLY C 49 -15.94 1.40 -21.96
CA GLY C 49 -16.02 2.77 -22.49
C GLY C 49 -15.46 3.82 -21.56
N TRP C 50 -15.29 5.03 -22.11
CA TRP C 50 -14.85 6.22 -21.36
C TRP C 50 -15.89 7.33 -21.54
N MET C 51 -15.94 8.24 -20.57
CA MET C 51 -16.78 9.45 -20.64
C MET C 51 -16.04 10.59 -19.96
N ASN C 52 -16.04 11.77 -20.59
CA ASN C 52 -15.49 13.02 -20.03
C ASN C 52 -16.64 13.81 -19.40
N PRO C 53 -16.64 14.07 -18.08
CA PRO C 53 -17.77 14.72 -17.44
C PRO C 53 -17.90 16.21 -17.78
N LYS C 54 -16.80 16.84 -18.21
CA LYS C 54 -16.76 18.27 -18.58
C LYS C 54 -17.51 18.49 -19.91
N THR C 55 -17.29 17.63 -20.91
CA THR C 55 -17.82 17.84 -22.29
C THR C 55 -18.90 16.82 -22.64
N GLY C 56 -18.98 15.69 -21.91
CA GLY C 56 -19.99 14.64 -22.10
C GLY C 56 -19.66 13.67 -23.23
N ASN C 57 -18.51 13.84 -23.88
CA ASN C 57 -18.08 12.99 -25.03
C ASN C 57 -17.79 11.61 -24.48
N THR C 58 -17.98 10.59 -25.29
CA THR C 58 -17.87 9.17 -24.89
C THR C 58 -17.12 8.42 -25.99
N GLY C 59 -16.67 7.22 -25.64
CA GLY C 59 -16.10 6.22 -26.55
C GLY C 59 -16.37 4.84 -26.01
N TYR C 60 -16.87 3.94 -26.85
CA TYR C 60 -17.27 2.59 -26.41
C TYR C 60 -16.40 1.53 -27.10
N ALA C 61 -16.27 0.39 -26.42
CA ALA C 61 -15.71 -0.86 -26.98
C ALA C 61 -16.61 -1.33 -28.11
N GLN C 62 -16.03 -1.98 -29.11
CA GLN C 62 -16.75 -2.50 -30.29
C GLN C 62 -18.03 -3.23 -29.85
N LYS C 63 -17.97 -4.08 -28.82
CA LYS C 63 -19.08 -5.02 -28.49
C LYS C 63 -20.18 -4.34 -27.66
N PHE C 64 -19.97 -3.12 -27.14
CA PHE C 64 -20.97 -2.37 -26.31
C PHE C 64 -21.56 -1.18 -27.10
N GLN C 65 -21.16 -0.95 -28.36
CA GLN C 65 -21.81 0.02 -29.29
C GLN C 65 -23.34 -0.06 -29.20
N GLY C 66 -24.00 1.01 -28.77
CA GLY C 66 -25.47 1.16 -28.81
C GLY C 66 -26.21 0.24 -27.84
N ARG C 67 -25.54 -0.37 -26.87
CA ARG C 67 -26.23 -1.04 -25.73
C ARG C 67 -25.92 -0.26 -24.45
N VAL C 68 -24.88 0.55 -24.47
CA VAL C 68 -24.41 1.28 -23.27
C VAL C 68 -24.50 2.79 -23.51
N THR C 69 -24.92 3.51 -22.48
CA THR C 69 -24.93 4.99 -22.42
C THR C 69 -24.18 5.42 -21.17
N LEU C 70 -23.17 6.26 -21.36
CA LEU C 70 -22.37 6.87 -20.28
C LEU C 70 -22.84 8.31 -20.11
N THR C 71 -23.25 8.66 -18.89
CA THR C 71 -23.75 10.02 -18.57
C THR C 71 -23.18 10.44 -17.22
N ARG C 72 -23.49 11.66 -16.81
CA ARG C 72 -23.00 12.21 -15.54
C ARG C 72 -23.85 13.40 -15.12
N ASN C 73 -23.73 13.76 -13.86
CA ASN C 73 -24.31 14.97 -13.28
C ASN C 73 -23.20 15.57 -12.43
N THR C 74 -22.53 16.59 -12.96
CA THR C 74 -21.29 17.19 -12.43
C THR C 74 -21.55 17.94 -11.12
N SER C 75 -22.77 18.46 -10.95
CA SER C 75 -23.15 19.26 -9.76
C SER C 75 -22.98 18.39 -8.50
N ILE C 76 -23.14 17.08 -8.61
CA ILE C 76 -23.02 16.13 -7.46
C ILE C 76 -21.90 15.13 -7.68
N SER C 77 -21.01 15.38 -8.65
CA SER C 77 -19.83 14.53 -8.96
C SER C 77 -20.23 13.05 -9.13
N THR C 78 -21.22 12.76 -9.95
CA THR C 78 -21.69 11.37 -10.16
C THR C 78 -21.63 11.02 -11.64
N ALA C 79 -21.13 9.82 -11.94
CA ALA C 79 -21.18 9.22 -13.28
C ALA C 79 -22.17 8.05 -13.26
N TYR C 80 -22.78 7.79 -14.40
CA TYR C 80 -23.79 6.73 -14.59
C TYR C 80 -23.41 5.91 -15.82
N MET C 81 -23.75 4.64 -15.73
CA MET C 81 -23.59 3.62 -16.80
C MET C 81 -24.95 2.93 -16.98
N GLU C 82 -25.61 3.12 -18.11
CA GLU C 82 -26.89 2.43 -18.41
C GLU C 82 -26.60 1.36 -19.48
N LEU C 83 -26.98 0.12 -19.17
CA LEU C 83 -26.84 -1.03 -20.09
C LEU C 83 -28.24 -1.55 -20.41
N THR C 84 -28.57 -1.66 -21.69
CA THR C 84 -29.92 -2.03 -22.17
C THR C 84 -29.87 -3.43 -22.78
N SER C 85 -31.03 -4.09 -22.88
CA SER C 85 -31.20 -5.43 -23.50
C SER C 85 -30.31 -6.44 -22.78
N LEU C 86 -30.49 -6.55 -21.47
CA LEU C 86 -29.70 -7.45 -20.61
C LEU C 86 -29.97 -8.91 -21.01
N ARG C 87 -28.87 -9.66 -21.11
CA ARG C 87 -28.77 -11.09 -21.45
C ARG C 87 -27.84 -11.68 -20.39
N SER C 88 -27.81 -13.00 -20.21
CA SER C 88 -27.13 -13.69 -19.08
C SER C 88 -25.63 -13.36 -19.06
N GLU C 89 -25.00 -13.10 -20.21
CA GLU C 89 -23.57 -12.75 -20.31
C GLU C 89 -23.27 -11.40 -19.65
N ASP C 90 -24.30 -10.63 -19.27
CA ASP C 90 -24.11 -9.29 -18.67
C ASP C 90 -24.01 -9.39 -17.15
N THR C 91 -24.43 -10.50 -16.53
CA THR C 91 -24.19 -10.74 -15.08
C THR C 91 -22.68 -10.61 -14.84
N ALA C 92 -22.29 -9.65 -14.02
CA ALA C 92 -20.87 -9.30 -13.87
C ALA C 92 -20.71 -8.29 -12.73
N VAL C 93 -19.48 -8.10 -12.29
CA VAL C 93 -19.12 -6.94 -11.44
C VAL C 93 -18.71 -5.82 -12.38
N TYR C 94 -19.36 -4.68 -12.27
CA TYR C 94 -19.10 -3.47 -13.08
C TYR C 94 -18.34 -2.47 -12.22
N TYR C 95 -17.17 -2.04 -12.69
CA TYR C 95 -16.33 -1.02 -12.01
C TYR C 95 -16.36 0.29 -12.79
N CYS C 96 -16.40 1.42 -12.09
CA CYS C 96 -15.92 2.71 -12.63
C CYS C 96 -14.47 2.90 -12.17
N ALA C 97 -13.64 3.49 -13.02
CA ALA C 97 -12.26 3.87 -12.64
C ALA C 97 -11.98 5.30 -13.11
N THR C 98 -10.96 5.92 -12.54
CA THR C 98 -10.43 7.20 -13.04
C THR C 98 -8.91 7.15 -13.03
N TYR C 99 -8.32 8.11 -13.76
CA TYR C 99 -6.87 8.22 -13.96
C TYR C 99 -6.23 8.84 -12.73
N ARG C 100 -4.92 8.92 -12.78
CA ARG C 100 -4.11 9.61 -11.75
C ARG C 100 -4.37 11.12 -11.83
N ILE C 101 -4.37 11.77 -10.67
CA ILE C 101 -4.54 13.25 -10.55
C ILE C 101 -3.20 13.89 -10.87
N ILE C 102 -2.99 14.23 -12.15
CA ILE C 102 -1.76 14.89 -12.67
C ILE C 102 -2.15 15.77 -13.86
N ALA C 103 -1.64 17.01 -13.88
CA ALA C 103 -2.00 18.07 -14.85
C ALA C 103 -1.47 17.70 -16.24
N ALA C 104 -0.25 17.11 -16.26
CA ALA C 104 0.50 16.64 -17.46
C ALA C 104 -0.34 15.65 -18.30
N VAL C 105 0.11 15.34 -19.51
CA VAL C 105 -0.68 14.56 -20.52
C VAL C 105 -0.15 13.12 -20.62
N GLY C 106 -1.01 12.16 -21.00
CA GLY C 106 -0.61 10.78 -21.33
C GLY C 106 -0.77 9.78 -20.20
N TYR C 107 -1.46 10.12 -19.11
CA TYR C 107 -1.61 9.24 -17.93
C TYR C 107 -3.06 8.72 -17.89
N ARG C 108 -3.52 8.09 -18.97
CA ARG C 108 -4.89 7.50 -19.07
C ARG C 108 -4.89 6.05 -18.53
N TYR C 109 -4.00 5.70 -17.59
CA TYR C 109 -4.03 4.38 -16.89
C TYR C 109 -4.90 4.50 -15.63
N PHE C 110 -5.52 3.41 -15.19
CA PHE C 110 -6.60 3.43 -14.16
C PHE C 110 -6.00 3.31 -12.75
N GLN C 111 -5.74 4.44 -12.10
CA GLN C 111 -5.15 4.47 -10.73
C GLN C 111 -6.23 4.16 -9.68
N TYR C 112 -7.42 4.75 -9.78
CA TYR C 112 -8.50 4.60 -8.79
C TYR C 112 -9.67 3.78 -9.36
N TRP C 113 -10.23 2.89 -8.54
CA TRP C 113 -11.37 2.00 -8.89
C TRP C 113 -12.47 2.18 -7.86
N GLY C 114 -13.73 2.18 -8.30
CA GLY C 114 -14.88 2.02 -7.39
C GLY C 114 -14.87 0.63 -6.77
N GLN C 115 -15.65 0.40 -5.71
CA GLN C 115 -15.66 -0.89 -4.99
C GLN C 115 -16.16 -2.02 -5.91
N GLY C 116 -16.86 -1.70 -7.00
CA GLY C 116 -17.50 -2.69 -7.88
C GLY C 116 -18.98 -2.84 -7.54
N THR C 117 -19.78 -3.22 -8.53
CA THR C 117 -21.25 -3.41 -8.40
C THR C 117 -21.64 -4.71 -9.07
N LEU C 118 -22.15 -5.68 -8.31
CA LEU C 118 -22.61 -6.97 -8.87
C LEU C 118 -23.98 -6.77 -9.50
N VAL C 119 -24.08 -6.99 -10.80
CA VAL C 119 -25.39 -6.94 -11.50
C VAL C 119 -25.69 -8.35 -11.98
N THR C 120 -26.83 -8.87 -11.56
CA THR C 120 -27.26 -10.25 -11.90
C THR C 120 -28.46 -10.15 -12.85
N VAL C 121 -28.43 -10.90 -13.94
CA VAL C 121 -29.53 -10.87 -14.95
C VAL C 121 -30.38 -12.11 -14.71
N SER C 122 -31.54 -11.96 -14.08
CA SER C 122 -32.38 -13.11 -13.68
C SER C 122 -33.88 -12.76 -13.58
N SER C 123 -34.73 -13.76 -13.79
CA SER C 123 -36.20 -13.69 -13.53
C SER C 123 -36.45 -13.97 -12.05
N ALA C 124 -35.50 -14.62 -11.37
CA ALA C 124 -35.65 -15.00 -9.95
C ALA C 124 -35.84 -13.73 -9.14
N SER C 125 -36.45 -13.87 -7.97
CA SER C 125 -36.83 -12.76 -7.06
C SER C 125 -35.79 -12.60 -5.96
N THR C 126 -35.72 -11.41 -5.38
CA THR C 126 -34.78 -11.10 -4.29
C THR C 126 -35.28 -11.82 -3.03
N LYS C 127 -34.40 -12.57 -2.38
CA LYS C 127 -34.70 -13.24 -1.09
C LYS C 127 -33.50 -13.11 -0.15
N GLY C 128 -33.75 -12.64 1.07
CA GLY C 128 -32.76 -12.61 2.17
C GLY C 128 -32.38 -14.02 2.60
N PRO C 129 -31.18 -14.22 3.17
CA PRO C 129 -30.76 -15.54 3.62
C PRO C 129 -31.37 -15.93 4.97
N SER C 130 -31.35 -17.23 5.25
CA SER C 130 -31.45 -17.81 6.61
C SER C 130 -30.04 -18.17 7.07
N VAL C 131 -29.70 -17.86 8.31
CA VAL C 131 -28.33 -18.09 8.86
C VAL C 131 -28.45 -19.13 9.98
N PHE C 132 -27.76 -20.26 9.86
CA PHE C 132 -27.73 -21.34 10.88
C PHE C 132 -26.32 -21.46 11.42
N PRO C 133 -26.15 -21.83 12.70
CA PRO C 133 -24.82 -22.02 13.26
C PRO C 133 -24.18 -23.33 12.77
N LEU C 134 -22.84 -23.35 12.69
CA LEU C 134 -22.05 -24.59 12.55
C LEU C 134 -21.29 -24.75 13.85
N ALA C 135 -21.81 -25.62 14.71
CA ALA C 135 -21.39 -25.72 16.12
C ALA C 135 -20.10 -26.52 16.22
N PRO C 136 -19.12 -26.02 17.01
CA PRO C 136 -17.91 -26.76 17.35
C PRO C 136 -18.13 -27.81 18.45
N SER C 137 -17.40 -28.94 18.40
CA SER C 137 -17.23 -29.94 19.49
C SER C 137 -15.87 -29.75 20.17
N THR C 145 -7.29 -25.33 17.05
CA THR C 145 -7.77 -26.52 17.84
C THR C 145 -9.30 -26.68 17.75
N ALA C 146 -10.10 -25.61 17.64
CA ALA C 146 -11.59 -25.70 17.55
C ALA C 146 -12.10 -24.92 16.34
N ALA C 147 -13.09 -25.46 15.62
CA ALA C 147 -13.65 -24.86 14.39
C ALA C 147 -15.14 -24.62 14.57
N LEU C 148 -15.59 -23.38 14.33
CA LEU C 148 -17.02 -23.02 14.34
C LEU C 148 -17.31 -22.20 13.08
N GLY C 149 -18.58 -21.91 12.81
CA GLY C 149 -18.96 -21.25 11.55
C GLY C 149 -20.45 -20.91 11.43
N CYS C 150 -20.83 -20.46 10.24
CA CYS C 150 -22.19 -19.98 9.91
C CYS C 150 -22.56 -20.49 8.51
N LEU C 151 -23.69 -21.15 8.39
CA LEU C 151 -24.27 -21.52 7.08
C LEU C 151 -25.23 -20.42 6.65
N VAL C 152 -24.90 -19.70 5.58
CA VAL C 152 -25.75 -18.64 4.98
C VAL C 152 -26.45 -19.25 3.78
N LYS C 153 -27.74 -19.53 3.91
CA LYS C 153 -28.45 -20.45 2.99
C LYS C 153 -29.70 -19.80 2.39
N ASP C 154 -30.02 -20.14 1.14
CA ASP C 154 -31.32 -19.87 0.47
C ASP C 154 -31.51 -18.36 0.29
N TYR C 155 -30.61 -17.72 -0.44
CA TYR C 155 -30.68 -16.27 -0.72
C TYR C 155 -30.48 -15.99 -2.22
N PHE C 156 -30.86 -14.80 -2.64
CA PHE C 156 -30.72 -14.33 -4.04
C PHE C 156 -30.91 -12.82 -4.10
N PRO C 157 -30.10 -12.08 -4.89
CA PRO C 157 -28.92 -12.64 -5.56
C PRO C 157 -27.63 -12.49 -4.74
N GLU C 158 -26.49 -12.79 -5.37
CA GLU C 158 -25.15 -12.42 -4.83
C GLU C 158 -25.08 -10.90 -4.75
N PRO C 159 -24.30 -10.31 -3.83
CA PRO C 159 -23.62 -11.04 -2.75
C PRO C 159 -24.19 -10.88 -1.33
N VAL C 160 -23.82 -11.81 -0.45
CA VAL C 160 -23.83 -11.62 1.04
C VAL C 160 -22.39 -11.30 1.46
N THR C 161 -22.25 -10.53 2.54
CA THR C 161 -20.95 -10.19 3.15
C THR C 161 -20.98 -10.74 4.56
N VAL C 162 -19.93 -11.43 4.95
CA VAL C 162 -19.85 -12.07 6.29
C VAL C 162 -18.63 -11.52 7.00
N SER C 163 -18.83 -11.10 8.25
CA SER C 163 -17.78 -10.58 9.15
C SER C 163 -17.90 -11.36 10.45
N TRP C 164 -16.93 -11.25 11.35
CA TRP C 164 -16.95 -11.97 12.64
C TRP C 164 -16.65 -10.99 13.76
N ASN C 165 -17.45 -11.03 14.83
CA ASN C 165 -17.33 -10.15 16.02
C ASN C 165 -17.22 -8.70 15.55
N SER C 166 -18.05 -8.30 14.58
CA SER C 166 -18.11 -6.92 14.03
C SER C 166 -16.75 -6.47 13.47
N GLY C 167 -15.92 -7.39 12.96
CA GLY C 167 -14.66 -7.10 12.25
C GLY C 167 -13.41 -7.37 13.08
N ALA C 168 -13.54 -7.47 14.42
CA ALA C 168 -12.39 -7.63 15.35
C ALA C 168 -11.82 -9.06 15.29
N LEU C 169 -12.43 -9.96 14.50
CA LEU C 169 -11.95 -11.36 14.30
C LEU C 169 -11.80 -11.61 12.78
N THR C 170 -10.57 -11.46 12.26
CA THR C 170 -10.25 -11.67 10.82
C THR C 170 -9.34 -12.88 10.66
N SER C 171 -8.52 -13.15 11.68
CA SER C 171 -7.52 -14.25 11.65
C SER C 171 -8.26 -15.59 11.65
N GLY C 172 -7.93 -16.47 10.71
CA GLY C 172 -8.43 -17.85 10.68
C GLY C 172 -9.82 -17.95 10.08
N VAL C 173 -10.36 -16.84 9.57
CA VAL C 173 -11.69 -16.81 8.89
C VAL C 173 -11.50 -17.31 7.44
N HIS C 174 -12.36 -18.22 7.00
CA HIS C 174 -12.48 -18.65 5.59
C HIS C 174 -13.95 -18.50 5.17
N THR C 175 -14.25 -17.58 4.27
CA THR C 175 -15.61 -17.44 3.68
C THR C 175 -15.57 -18.06 2.30
N PHE C 176 -16.40 -19.07 2.04
CA PHE C 176 -16.38 -19.86 0.78
C PHE C 176 -17.17 -19.12 -0.31
N PRO C 177 -16.82 -19.30 -1.60
CA PRO C 177 -17.70 -18.88 -2.69
C PRO C 177 -19.11 -19.48 -2.59
N ALA C 178 -20.12 -18.68 -2.90
CA ALA C 178 -21.53 -19.14 -3.03
C ALA C 178 -21.61 -20.23 -4.09
N VAL C 179 -22.34 -21.27 -3.76
CA VAL C 179 -22.71 -22.34 -4.72
C VAL C 179 -24.19 -22.10 -5.01
N LEU C 180 -24.59 -22.13 -6.27
CA LEU C 180 -26.02 -22.05 -6.63
C LEU C 180 -26.64 -23.44 -6.38
N GLN C 181 -27.58 -23.52 -5.43
CA GLN C 181 -28.25 -24.79 -5.09
C GLN C 181 -29.20 -25.16 -6.22
N SER C 182 -29.60 -26.42 -6.25
CA SER C 182 -30.59 -26.99 -7.18
C SER C 182 -31.93 -26.25 -7.07
N SER C 183 -32.11 -25.50 -5.98
CA SER C 183 -33.34 -24.72 -5.65
C SER C 183 -33.37 -23.36 -6.37
N GLY C 184 -32.32 -22.98 -7.09
CA GLY C 184 -32.19 -21.66 -7.75
C GLY C 184 -31.75 -20.57 -6.79
N LEU C 185 -31.46 -20.89 -5.53
CA LEU C 185 -30.95 -19.91 -4.55
C LEU C 185 -29.49 -20.21 -4.21
N TYR C 186 -28.80 -19.23 -3.64
CA TYR C 186 -27.37 -19.33 -3.29
C TYR C 186 -27.25 -19.88 -1.87
N SER C 187 -26.11 -20.52 -1.65
CA SER C 187 -25.67 -21.00 -0.31
C SER C 187 -24.16 -20.77 -0.21
N LEU C 188 -23.69 -20.33 0.95
CA LEU C 188 -22.26 -20.39 1.33
C LEU C 188 -22.15 -20.59 2.84
N SER C 189 -20.94 -20.77 3.30
CA SER C 189 -20.65 -20.86 4.75
C SER C 189 -19.35 -20.11 5.05
N SER C 190 -19.24 -19.59 6.25
CA SER C 190 -18.03 -18.94 6.77
C SER C 190 -17.61 -19.73 7.99
N VAL C 191 -16.35 -20.10 8.06
CA VAL C 191 -15.80 -20.82 9.24
C VAL C 191 -14.65 -20.03 9.81
N VAL C 192 -14.32 -20.36 11.05
CA VAL C 192 -13.20 -19.75 11.80
C VAL C 192 -12.66 -20.81 12.76
N THR C 193 -11.34 -20.84 12.90
CA THR C 193 -10.60 -21.72 13.83
C THR C 193 -10.10 -20.87 14.98
N VAL C 194 -10.29 -21.35 16.19
CA VAL C 194 -9.98 -20.60 17.45
C VAL C 194 -9.32 -21.60 18.40
N PRO C 195 -8.53 -21.15 19.39
CA PRO C 195 -8.02 -22.06 20.41
C PRO C 195 -9.15 -22.71 21.22
N SER C 196 -9.01 -23.99 21.56
CA SER C 196 -9.97 -24.77 22.39
C SER C 196 -10.29 -24.03 23.70
N SER C 197 -9.26 -23.50 24.37
CA SER C 197 -9.35 -22.75 25.66
C SER C 197 -10.21 -21.49 25.52
N SER C 198 -10.38 -20.97 24.29
CA SER C 198 -11.11 -19.70 24.04
C SER C 198 -12.61 -19.88 24.21
N LEU C 199 -13.12 -21.09 24.01
CA LEU C 199 -14.58 -21.37 23.94
C LEU C 199 -15.26 -20.92 25.24
N GLY C 200 -14.70 -21.26 26.39
CA GLY C 200 -15.23 -20.91 27.73
C GLY C 200 -15.31 -19.42 27.99
N THR C 201 -14.60 -18.58 27.23
CA THR C 201 -14.39 -17.15 27.58
C THR C 201 -15.00 -16.21 26.54
N GLN C 202 -14.73 -16.44 25.25
CA GLN C 202 -15.05 -15.51 24.15
C GLN C 202 -16.42 -15.85 23.56
N THR C 203 -17.12 -14.84 23.03
CA THR C 203 -18.43 -14.98 22.36
C THR C 203 -18.20 -14.77 20.86
N TYR C 204 -18.63 -15.71 20.04
CA TYR C 204 -18.41 -15.67 18.57
C TYR C 204 -19.74 -15.34 17.86
N ILE C 205 -19.78 -14.23 17.15
CA ILE C 205 -20.98 -13.77 16.39
C ILE C 205 -20.57 -13.57 14.94
N CYS C 206 -21.30 -14.15 14.00
CA CYS C 206 -21.09 -13.91 12.56
C CYS C 206 -22.13 -12.90 12.09
N ASN C 207 -21.66 -11.93 11.30
CA ASN C 207 -22.44 -10.74 10.87
C ASN C 207 -22.69 -10.87 9.36
N VAL C 208 -23.91 -11.20 8.99
CA VAL C 208 -24.29 -11.51 7.58
C VAL C 208 -25.16 -10.35 7.05
N ASN C 209 -24.63 -9.64 6.06
CA ASN C 209 -25.34 -8.54 5.37
C ASN C 209 -25.69 -9.02 3.96
N HIS C 210 -26.97 -9.11 3.65
CA HIS C 210 -27.50 -9.21 2.28
C HIS C 210 -28.12 -7.85 1.92
N LYS C 211 -27.41 -7.08 1.09
CA LYS C 211 -27.78 -5.69 0.72
C LYS C 211 -28.97 -5.69 -0.24
N PRO C 212 -29.02 -6.57 -1.26
CA PRO C 212 -30.15 -6.58 -2.20
C PRO C 212 -31.53 -6.73 -1.57
N SER C 213 -31.66 -7.35 -0.39
CA SER C 213 -32.93 -7.48 0.37
C SER C 213 -32.87 -6.69 1.69
N ASN C 214 -31.81 -5.93 1.92
CA ASN C 214 -31.70 -5.00 3.08
C ASN C 214 -31.84 -5.76 4.39
N THR C 215 -31.27 -6.96 4.47
CA THR C 215 -31.37 -7.84 5.66
C THR C 215 -29.98 -7.93 6.29
N LYS C 216 -29.91 -7.74 7.60
CA LYS C 216 -28.72 -8.03 8.42
C LYS C 216 -29.12 -9.08 9.45
N VAL C 217 -28.28 -10.07 9.65
CA VAL C 217 -28.48 -11.06 10.74
C VAL C 217 -27.15 -11.16 11.49
N ASP C 218 -27.25 -11.31 12.80
CA ASP C 218 -26.09 -11.63 13.68
C ASP C 218 -26.42 -12.94 14.39
N LYS C 219 -25.61 -13.97 14.16
CA LYS C 219 -25.82 -15.29 14.80
C LYS C 219 -24.73 -15.50 15.84
N ARG C 220 -25.14 -15.72 17.08
CA ARG C 220 -24.24 -16.18 18.16
C ARG C 220 -24.00 -17.67 17.94
N VAL C 221 -22.77 -18.05 17.64
CA VAL C 221 -22.43 -19.47 17.34
C VAL C 221 -21.95 -20.07 18.65
N GLU C 222 -22.75 -21.00 19.18
CA GLU C 222 -22.54 -21.62 20.51
C GLU C 222 -22.12 -23.08 20.35
N PRO C 223 -21.37 -23.58 21.35
CA PRO C 223 -20.89 -24.97 21.48
C PRO C 223 -21.69 -26.17 20.95
N LYS C 224 -22.91 -26.38 21.45
CA LYS C 224 -23.70 -27.63 21.29
C LYS C 224 -22.85 -28.85 21.69
N ASP D 1 -8.47 -2.70 -34.24
CA ASP D 1 -7.28 -1.99 -33.61
C ASP D 1 -6.23 -3.04 -33.20
N ILE D 2 -5.62 -2.85 -32.02
CA ILE D 2 -4.47 -3.65 -31.54
C ILE D 2 -4.99 -4.73 -30.60
N GLN D 3 -4.54 -5.97 -30.82
CA GLN D 3 -4.86 -7.11 -29.92
C GLN D 3 -3.67 -7.35 -28.99
N LEU D 4 -3.98 -7.65 -27.73
CA LEU D 4 -3.00 -8.01 -26.69
C LEU D 4 -3.15 -9.49 -26.40
N THR D 5 -2.03 -10.17 -26.16
CA THR D 5 -1.98 -11.61 -25.80
C THR D 5 -1.13 -11.75 -24.55
N GLN D 6 -1.68 -12.32 -23.48
CA GLN D 6 -0.91 -12.57 -22.24
C GLN D 6 -0.51 -14.05 -22.19
N SER D 7 0.70 -14.33 -21.73
CA SER D 7 1.16 -15.71 -21.46
C SER D 7 2.11 -15.66 -20.27
N PRO D 8 2.17 -16.72 -19.43
CA PRO D 8 1.29 -17.89 -19.56
C PRO D 8 -0.13 -17.64 -19.03
N SER D 9 -0.99 -18.64 -19.12
CA SER D 9 -2.39 -18.56 -18.61
C SER D 9 -2.38 -18.78 -17.09
N SER D 10 -1.47 -19.60 -16.56
CA SER D 10 -1.30 -19.79 -15.09
C SER D 10 0.11 -20.28 -14.75
N LEU D 11 0.55 -20.05 -13.51
CA LEU D 11 1.89 -20.50 -13.03
C LEU D 11 1.92 -20.60 -11.50
N SER D 12 2.78 -21.49 -11.01
CA SER D 12 3.00 -21.77 -9.57
C SER D 12 4.48 -21.56 -9.29
N ALA D 13 4.81 -20.80 -8.27
CA ALA D 13 6.21 -20.61 -7.86
C ALA D 13 6.28 -20.44 -6.34
N SER D 14 7.48 -20.58 -5.80
CA SER D 14 7.72 -20.62 -4.34
C SER D 14 8.02 -19.22 -3.82
N VAL D 15 7.70 -19.00 -2.53
CA VAL D 15 8.09 -17.77 -1.77
C VAL D 15 9.59 -17.51 -2.00
N GLY D 16 9.94 -16.29 -2.41
CA GLY D 16 11.31 -15.84 -2.69
C GLY D 16 11.77 -16.17 -4.10
N ASP D 17 10.91 -16.68 -4.97
CA ASP D 17 11.24 -17.04 -6.38
C ASP D 17 11.11 -15.81 -7.26
N SER D 18 11.51 -15.96 -8.52
CA SER D 18 11.53 -14.88 -9.53
C SER D 18 10.73 -15.32 -10.76
N VAL D 19 9.59 -14.68 -11.05
CA VAL D 19 8.69 -15.08 -12.16
C VAL D 19 8.45 -13.91 -13.12
N THR D 20 8.18 -14.27 -14.37
CA THR D 20 8.08 -13.35 -15.53
C THR D 20 6.83 -13.70 -16.35
N ILE D 21 6.02 -12.68 -16.60
CA ILE D 21 4.73 -12.74 -17.35
C ILE D 21 4.95 -11.91 -18.61
N THR D 22 4.30 -12.31 -19.70
CA THR D 22 4.52 -11.73 -21.04
C THR D 22 3.22 -11.14 -21.57
N CYS D 23 3.33 -9.99 -22.22
CA CYS D 23 2.25 -9.34 -22.99
C CYS D 23 2.79 -9.04 -24.40
N ARG D 24 2.23 -9.69 -25.41
CA ARG D 24 2.57 -9.45 -26.84
C ARG D 24 1.43 -8.67 -27.50
N ALA D 25 1.76 -7.77 -28.41
CA ALA D 25 0.77 -6.93 -29.13
C ALA D 25 0.89 -7.18 -30.63
N SER D 26 -0.26 -7.25 -31.32
CA SER D 26 -0.35 -7.42 -32.80
C SER D 26 0.44 -6.32 -33.52
N GLN D 27 0.46 -5.09 -32.99
CA GLN D 27 1.43 -4.06 -33.46
C GLN D 27 1.73 -3.03 -32.35
N GLY D 28 2.75 -2.20 -32.59
CA GLY D 28 3.25 -1.20 -31.65
C GLY D 28 2.21 -0.12 -31.37
N PHE D 29 2.28 0.50 -30.21
CA PHE D 29 1.36 1.59 -29.79
C PHE D 29 2.06 2.57 -28.84
N GLY D 30 3.38 2.71 -28.95
CA GLY D 30 4.16 3.74 -28.23
C GLY D 30 4.29 3.49 -26.73
N ASN D 31 4.43 2.23 -26.30
CA ASN D 31 4.84 1.89 -24.91
C ASN D 31 3.85 2.37 -23.84
N TYR D 32 2.60 2.66 -24.17
CA TYR D 32 1.56 3.02 -23.16
C TYR D 32 0.97 1.72 -22.62
N LEU D 33 1.74 1.00 -21.81
CA LEU D 33 1.30 -0.30 -21.26
C LEU D 33 1.34 -0.27 -19.74
N ALA D 34 0.27 -0.74 -19.12
CA ALA D 34 0.13 -0.81 -17.65
C ALA D 34 0.01 -2.27 -17.22
N TRP D 35 0.50 -2.57 -16.02
CA TRP D 35 0.26 -3.88 -15.36
C TRP D 35 -0.56 -3.62 -14.10
N TYR D 36 -1.63 -4.41 -13.95
CA TYR D 36 -2.54 -4.45 -12.77
C TYR D 36 -2.41 -5.80 -12.06
N GLN D 37 -2.56 -5.79 -10.75
CA GLN D 37 -2.74 -6.99 -9.90
C GLN D 37 -4.18 -7.00 -9.40
N GLN D 38 -4.82 -8.16 -9.42
CA GLN D 38 -6.15 -8.37 -8.80
C GLN D 38 -6.07 -9.58 -7.87
N ARG D 39 -6.04 -9.31 -6.56
CA ARG D 39 -5.99 -10.36 -5.53
C ARG D 39 -7.41 -10.82 -5.25
N PRO D 40 -7.60 -12.05 -4.71
CA PRO D 40 -8.93 -12.56 -4.37
C PRO D 40 -9.77 -11.60 -3.51
N GLY D 41 -11.00 -11.34 -3.93
CA GLY D 41 -11.96 -10.46 -3.24
C GLY D 41 -11.56 -9.00 -3.27
N LYS D 42 -10.70 -8.58 -4.21
CA LYS D 42 -10.19 -7.18 -4.24
C LYS D 42 -10.44 -6.55 -5.61
N VAL D 43 -10.29 -5.24 -5.67
CA VAL D 43 -10.30 -4.46 -6.93
C VAL D 43 -8.90 -4.50 -7.55
N PRO D 44 -8.79 -4.41 -8.88
CA PRO D 44 -7.49 -4.26 -9.52
C PRO D 44 -6.72 -3.05 -8.97
N GLU D 45 -5.40 -3.17 -8.92
CA GLU D 45 -4.46 -2.10 -8.53
C GLU D 45 -3.37 -2.03 -9.60
N VAL D 46 -3.12 -0.83 -10.14
CA VAL D 46 -2.01 -0.58 -11.10
C VAL D 46 -0.69 -0.79 -10.36
N LEU D 47 0.22 -1.54 -10.97
CA LEU D 47 1.58 -1.87 -10.47
C LEU D 47 2.58 -1.06 -11.27
N ILE D 48 2.45 -1.13 -12.58
CA ILE D 48 3.42 -0.55 -13.55
C ILE D 48 2.63 0.23 -14.60
N TYR D 49 3.15 1.37 -15.01
CA TYR D 49 2.65 2.08 -16.21
C TYR D 49 3.84 2.51 -17.06
N ALA D 50 3.55 2.99 -18.26
CA ALA D 50 4.54 3.40 -19.26
C ALA D 50 5.56 2.26 -19.42
N ALA D 51 5.09 1.02 -19.40
CA ALA D 51 5.89 -0.20 -19.65
C ALA D 51 6.79 -0.54 -18.44
N THR D 52 7.56 0.43 -17.92
CA THR D 52 8.72 0.13 -17.05
C THR D 52 8.70 0.93 -15.74
N THR D 53 7.68 1.75 -15.48
CA THR D 53 7.74 2.69 -14.33
C THR D 53 6.93 2.11 -13.18
N LEU D 54 7.54 2.02 -12.00
CA LEU D 54 6.86 1.47 -10.81
C LEU D 54 5.94 2.53 -10.24
N GLN D 55 4.67 2.19 -9.99
CA GLN D 55 3.72 3.07 -9.24
C GLN D 55 4.25 3.23 -7.80
N SER D 56 4.32 4.47 -7.31
CA SER D 56 4.75 4.76 -5.92
C SER D 56 3.86 4.00 -4.95
N GLY D 57 4.45 3.45 -3.91
CA GLY D 57 3.73 2.68 -2.87
C GLY D 57 3.71 1.20 -3.19
N VAL D 58 3.96 0.80 -4.44
CA VAL D 58 3.95 -0.64 -4.87
C VAL D 58 5.32 -1.24 -4.54
N PRO D 59 5.36 -2.50 -4.03
CA PRO D 59 6.61 -3.16 -3.67
C PRO D 59 7.64 -3.21 -4.80
N SER D 60 8.92 -3.01 -4.45
CA SER D 60 10.07 -2.93 -5.38
C SER D 60 10.21 -4.22 -6.18
N ARG D 61 9.72 -5.35 -5.68
CA ARG D 61 9.87 -6.66 -6.35
C ARG D 61 9.10 -6.69 -7.68
N PHE D 62 8.16 -5.77 -7.93
CA PHE D 62 7.46 -5.67 -9.23
C PHE D 62 8.26 -4.77 -10.18
N SER D 63 8.62 -5.27 -11.36
CA SER D 63 9.29 -4.44 -12.39
C SER D 63 8.79 -4.81 -13.79
N GLY D 64 8.76 -3.83 -14.69
CA GLY D 64 8.30 -4.00 -16.06
C GLY D 64 9.42 -3.75 -17.04
N SER D 65 9.45 -4.46 -18.15
CA SER D 65 10.40 -4.18 -19.24
C SER D 65 9.74 -4.49 -20.58
N GLY D 66 10.45 -4.19 -21.65
CA GLY D 66 9.99 -4.39 -23.03
C GLY D 66 9.65 -3.08 -23.68
N SER D 67 9.28 -3.17 -24.96
CA SER D 67 8.87 -2.04 -25.82
C SER D 67 8.27 -2.60 -27.12
N GLY D 68 7.78 -1.72 -27.99
CA GLY D 68 7.15 -2.08 -29.27
C GLY D 68 5.96 -2.99 -29.06
N THR D 69 6.15 -4.29 -29.24
CA THR D 69 5.06 -5.29 -29.24
C THR D 69 5.32 -6.38 -28.18
N ASP D 70 6.40 -6.27 -27.40
CA ASP D 70 6.80 -7.34 -26.46
C ASP D 70 7.13 -6.72 -25.10
N PHE D 71 6.41 -7.17 -24.07
CA PHE D 71 6.45 -6.60 -22.69
C PHE D 71 6.41 -7.70 -21.64
N THR D 72 6.95 -7.38 -20.47
CA THR D 72 7.30 -8.33 -19.40
C THR D 72 7.01 -7.70 -18.06
N LEU D 73 6.33 -8.42 -17.18
CA LEU D 73 6.26 -8.10 -15.75
C LEU D 73 7.10 -9.14 -15.01
N THR D 74 7.92 -8.72 -14.07
CA THR D 74 8.73 -9.62 -13.23
C THR D 74 8.39 -9.36 -11.76
N ILE D 75 8.09 -10.42 -11.02
CA ILE D 75 8.01 -10.43 -9.54
C ILE D 75 9.22 -11.21 -9.05
N SER D 76 10.17 -10.53 -8.41
CA SER D 76 11.56 -11.03 -8.20
C SER D 76 11.72 -11.73 -6.85
N SER D 77 10.82 -11.53 -5.90
CA SER D 77 10.92 -12.11 -4.53
C SER D 77 9.52 -12.45 -4.03
N LEU D 78 8.94 -13.52 -4.59
CA LEU D 78 7.51 -13.85 -4.43
C LEU D 78 7.13 -13.87 -2.95
N GLN D 79 6.06 -13.18 -2.59
CA GLN D 79 5.47 -13.20 -1.24
C GLN D 79 4.14 -13.92 -1.34
N PRO D 80 3.64 -14.48 -0.22
CA PRO D 80 2.32 -15.11 -0.17
C PRO D 80 1.17 -14.26 -0.72
N GLU D 81 1.19 -12.95 -0.45
CA GLU D 81 0.09 -12.04 -0.82
C GLU D 81 0.12 -11.73 -2.33
N ASP D 82 1.02 -12.34 -3.10
CA ASP D 82 1.10 -12.13 -4.58
C ASP D 82 0.19 -13.13 -5.32
N VAL D 83 -0.51 -14.00 -4.60
CA VAL D 83 -1.59 -14.82 -5.21
C VAL D 83 -2.59 -13.82 -5.79
N ALA D 84 -2.74 -13.81 -7.11
CA ALA D 84 -3.60 -12.84 -7.81
C ALA D 84 -3.70 -13.22 -9.29
N THR D 85 -4.56 -12.51 -10.01
CA THR D 85 -4.52 -12.45 -11.48
C THR D 85 -3.83 -11.15 -11.91
N TYR D 86 -2.91 -11.23 -12.88
CA TYR D 86 -2.13 -10.07 -13.36
C TYR D 86 -2.63 -9.76 -14.77
N TYR D 87 -2.91 -8.49 -15.07
CA TYR D 87 -3.38 -8.06 -16.41
C TYR D 87 -2.49 -6.95 -16.96
N CYS D 88 -2.23 -7.01 -18.27
CA CYS D 88 -1.65 -5.89 -19.05
C CYS D 88 -2.83 -5.14 -19.67
N GLN D 89 -2.67 -3.83 -19.82
CA GLN D 89 -3.62 -2.92 -20.48
C GLN D 89 -2.85 -1.92 -21.37
N LYS D 90 -3.38 -1.65 -22.56
CA LYS D 90 -2.88 -0.54 -23.41
C LYS D 90 -3.74 0.68 -23.10
N TYR D 91 -3.14 1.86 -22.96
CA TYR D 91 -3.92 3.09 -22.66
C TYR D 91 -3.47 4.23 -23.56
N ASN D 92 -2.84 3.92 -24.69
CA ASN D 92 -2.42 4.94 -25.69
C ASN D 92 -3.68 5.66 -26.21
N SER D 93 -4.79 4.95 -26.34
CA SER D 93 -5.97 5.38 -27.14
C SER D 93 -7.14 4.40 -26.91
N ALA D 94 -8.36 4.80 -27.24
CA ALA D 94 -9.52 3.90 -27.22
C ALA D 94 -9.31 2.83 -28.28
N PRO D 95 -9.50 1.52 -27.98
CA PRO D 95 -9.95 1.07 -26.66
C PRO D 95 -8.80 0.74 -25.69
N PHE D 96 -9.04 0.94 -24.38
CA PHE D 96 -8.08 0.66 -23.28
C PHE D 96 -8.18 -0.81 -22.90
N THR D 97 -7.93 -1.67 -23.89
CA THR D 97 -8.23 -3.13 -23.83
C THR D 97 -7.21 -3.81 -22.93
N PHE D 98 -7.68 -4.83 -22.24
CA PHE D 98 -6.90 -5.66 -21.29
C PHE D 98 -6.54 -6.99 -21.94
N GLY D 99 -5.39 -7.53 -21.54
CA GLY D 99 -5.03 -8.93 -21.83
C GLY D 99 -5.92 -9.93 -21.08
N GLN D 100 -5.79 -11.20 -21.45
CA GLN D 100 -6.65 -12.33 -21.02
C GLN D 100 -6.42 -12.58 -19.52
N GLY D 101 -5.22 -12.31 -19.04
CA GLY D 101 -4.87 -12.41 -17.61
C GLY D 101 -3.99 -13.61 -17.34
N THR D 102 -3.18 -13.53 -16.30
CA THR D 102 -2.28 -14.61 -15.81
C THR D 102 -2.59 -14.88 -14.36
N ARG D 103 -3.01 -16.11 -14.03
CA ARG D 103 -3.36 -16.53 -12.66
C ARG D 103 -2.10 -17.07 -11.98
N LEU D 104 -1.73 -16.54 -10.82
CA LEU D 104 -0.48 -16.94 -10.15
C LEU D 104 -0.83 -17.63 -8.82
N GLU D 105 -0.29 -18.83 -8.62
CA GLU D 105 -0.45 -19.67 -7.42
C GLU D 105 0.89 -19.76 -6.67
N ILE D 106 0.84 -19.84 -5.35
CA ILE D 106 2.07 -20.04 -4.52
C ILE D 106 2.27 -21.54 -4.29
N LYS D 107 3.47 -22.00 -4.65
CA LYS D 107 4.00 -23.34 -4.34
C LYS D 107 4.53 -23.34 -2.90
N ARG D 108 4.10 -24.32 -2.10
CA ARG D 108 4.56 -24.45 -0.69
C ARG D 108 4.62 -25.94 -0.37
N THR D 109 5.06 -26.25 0.84
CA THR D 109 5.21 -27.65 1.33
C THR D 109 3.83 -28.27 1.46
N VAL D 110 3.76 -29.57 1.22
CA VAL D 110 2.54 -30.39 1.43
C VAL D 110 2.05 -30.14 2.86
N ALA D 111 0.74 -29.95 3.04
CA ALA D 111 0.05 -29.82 4.35
C ALA D 111 -1.25 -30.63 4.33
N ALA D 112 -1.41 -31.53 5.29
CA ALA D 112 -2.61 -32.39 5.38
C ALA D 112 -3.78 -31.51 5.79
N PRO D 113 -5.01 -31.84 5.33
CA PRO D 113 -6.19 -31.13 5.82
C PRO D 113 -6.48 -31.53 7.28
N SER D 114 -6.81 -30.54 8.10
CA SER D 114 -7.60 -30.74 9.34
C SER D 114 -9.07 -30.90 8.94
N VAL D 115 -9.67 -32.02 9.33
CA VAL D 115 -11.07 -32.34 8.94
C VAL D 115 -11.98 -32.14 10.15
N PHE D 116 -13.07 -31.38 9.97
CA PHE D 116 -14.14 -31.19 10.97
C PHE D 116 -15.48 -31.49 10.31
N ILE D 117 -16.43 -31.92 11.12
CA ILE D 117 -17.80 -32.28 10.68
C ILE D 117 -18.81 -31.57 11.57
N PHE D 118 -19.84 -31.00 10.96
CA PHE D 118 -20.90 -30.20 11.62
C PHE D 118 -22.25 -30.85 11.31
N PRO D 119 -23.02 -31.24 12.34
CA PRO D 119 -24.37 -31.72 12.13
C PRO D 119 -25.27 -30.52 11.86
N PRO D 120 -26.52 -30.72 11.40
CA PRO D 120 -27.44 -29.62 11.20
C PRO D 120 -27.89 -29.03 12.55
N SER D 121 -28.18 -27.73 12.55
CA SER D 121 -28.79 -27.00 13.67
C SER D 121 -30.22 -27.50 13.88
N ASP D 122 -30.69 -27.53 15.14
CA ASP D 122 -32.11 -27.80 15.49
C ASP D 122 -32.98 -26.76 14.78
N GLU D 123 -32.47 -25.53 14.67
CA GLU D 123 -33.09 -24.40 13.96
C GLU D 123 -33.47 -24.80 12.52
N GLN D 124 -32.51 -25.21 11.70
CA GLN D 124 -32.76 -25.66 10.30
C GLN D 124 -33.66 -26.91 10.32
N LEU D 125 -33.42 -27.85 11.22
CA LEU D 125 -34.19 -29.12 11.29
C LEU D 125 -35.68 -28.79 11.45
N LYS D 126 -36.03 -27.87 12.36
CA LYS D 126 -37.42 -27.42 12.59
C LYS D 126 -38.02 -26.97 11.24
N SER D 127 -37.28 -26.17 10.47
CA SER D 127 -37.67 -25.62 9.15
C SER D 127 -37.92 -26.75 8.14
N GLY D 128 -37.37 -27.95 8.35
CA GLY D 128 -37.68 -29.12 7.52
C GLY D 128 -36.51 -29.61 6.67
N THR D 129 -35.36 -28.94 6.70
CA THR D 129 -34.16 -29.33 5.92
C THR D 129 -33.03 -29.73 6.89
N ALA D 130 -32.07 -30.53 6.42
CA ALA D 130 -30.83 -30.85 7.16
C ALA D 130 -29.62 -30.69 6.23
N SER D 131 -28.73 -29.76 6.56
CA SER D 131 -27.43 -29.57 5.88
C SER D 131 -26.34 -30.09 6.81
N VAL D 132 -25.54 -31.05 6.34
CA VAL D 132 -24.41 -31.63 7.11
C VAL D 132 -23.13 -31.14 6.43
N VAL D 133 -22.19 -30.59 7.20
CA VAL D 133 -21.05 -29.87 6.60
C VAL D 133 -19.75 -30.53 7.04
N CYS D 134 -18.92 -30.86 6.04
CA CYS D 134 -17.56 -31.39 6.20
C CYS D 134 -16.58 -30.28 5.81
N LEU D 135 -15.74 -29.83 6.74
CA LEU D 135 -14.70 -28.81 6.48
C LEU D 135 -13.32 -29.49 6.41
N LEU D 136 -12.59 -29.25 5.32
CA LEU D 136 -11.15 -29.57 5.15
C LEU D 136 -10.38 -28.25 5.23
N ASN D 137 -9.54 -28.07 6.26
CA ASN D 137 -8.97 -26.74 6.59
C ASN D 137 -7.45 -26.75 6.40
N ASN D 138 -6.94 -25.71 5.72
CA ASN D 138 -5.50 -25.33 5.58
C ASN D 138 -4.69 -26.50 5.00
N PHE D 139 -4.96 -26.89 3.76
CA PHE D 139 -4.25 -28.00 3.09
C PHE D 139 -3.61 -27.52 1.81
N TYR D 140 -2.60 -28.26 1.36
CA TYR D 140 -1.86 -28.04 0.10
C TYR D 140 -1.29 -29.38 -0.36
N PRO D 141 -1.37 -29.73 -1.66
CA PRO D 141 -2.03 -28.91 -2.69
C PRO D 141 -3.57 -28.99 -2.74
N ARG D 142 -4.15 -28.38 -3.78
CA ARG D 142 -5.60 -28.12 -3.95
C ARG D 142 -6.37 -29.43 -4.16
N GLU D 143 -5.75 -30.44 -4.75
CA GLU D 143 -6.43 -31.70 -5.15
C GLU D 143 -6.79 -32.48 -3.88
N ALA D 144 -8.09 -32.67 -3.64
CA ALA D 144 -8.60 -33.44 -2.49
C ALA D 144 -9.88 -34.18 -2.89
N LYS D 145 -10.15 -35.31 -2.24
CA LYS D 145 -11.33 -36.17 -2.46
C LYS D 145 -12.18 -36.18 -1.18
N VAL D 146 -13.48 -35.90 -1.29
CA VAL D 146 -14.41 -36.02 -0.13
C VAL D 146 -15.63 -36.84 -0.53
N GLN D 147 -15.88 -37.93 0.19
CA GLN D 147 -17.11 -38.72 -0.03
C GLN D 147 -17.86 -38.90 1.28
N TRP D 148 -19.19 -38.91 1.17
CA TRP D 148 -20.12 -39.04 2.31
C TRP D 148 -20.55 -40.50 2.44
N LYS D 149 -20.70 -40.94 3.69
CA LYS D 149 -21.22 -42.26 4.07
C LYS D 149 -22.35 -42.06 5.08
N VAL D 150 -23.53 -42.56 4.72
CA VAL D 150 -24.75 -42.52 5.58
C VAL D 150 -25.05 -43.94 6.00
N ASP D 151 -24.72 -44.30 7.24
CA ASP D 151 -24.72 -45.70 7.73
C ASP D 151 -23.90 -46.56 6.76
N ASN D 152 -22.75 -46.04 6.35
CA ASN D 152 -21.72 -46.72 5.52
C ASN D 152 -22.17 -46.88 4.05
N ALA D 153 -23.27 -46.28 3.60
CA ALA D 153 -23.63 -46.24 2.16
C ALA D 153 -23.04 -44.98 1.52
N LEU D 154 -22.27 -45.13 0.45
CA LEU D 154 -21.68 -43.97 -0.29
C LEU D 154 -22.82 -43.14 -0.87
N GLN D 155 -22.71 -41.81 -0.76
CA GLN D 155 -23.71 -40.87 -1.29
C GLN D 155 -23.29 -40.39 -2.68
N SER D 156 -24.27 -39.91 -3.46
CA SER D 156 -24.06 -39.31 -4.80
C SER D 156 -25.18 -38.31 -5.12
N GLY D 157 -24.80 -37.16 -5.67
CA GLY D 157 -25.73 -36.15 -6.22
C GLY D 157 -26.54 -35.42 -5.16
N ASN D 158 -26.18 -35.55 -3.88
CA ASN D 158 -26.91 -34.89 -2.77
C ASN D 158 -25.93 -34.05 -1.97
N SER D 159 -24.75 -33.75 -2.53
CA SER D 159 -23.71 -32.94 -1.85
C SER D 159 -23.11 -31.94 -2.84
N GLN D 160 -22.50 -30.88 -2.31
CA GLN D 160 -21.86 -29.82 -3.10
C GLN D 160 -20.57 -29.37 -2.39
N GLU D 161 -19.50 -29.25 -3.17
CA GLU D 161 -18.13 -28.86 -2.74
C GLU D 161 -17.87 -27.42 -3.14
N SER D 162 -17.16 -26.68 -2.31
CA SER D 162 -16.72 -25.29 -2.59
C SER D 162 -15.31 -25.13 -2.00
N VAL D 163 -14.42 -24.41 -2.68
CA VAL D 163 -13.00 -24.28 -2.24
C VAL D 163 -12.66 -22.79 -2.14
N THR D 164 -11.93 -22.39 -1.12
CA THR D 164 -11.47 -20.99 -1.04
C THR D 164 -10.44 -20.77 -2.16
N GLU D 165 -10.21 -19.51 -2.51
CA GLU D 165 -8.99 -19.12 -3.25
C GLU D 165 -7.83 -19.27 -2.25
N GLN D 166 -6.61 -19.36 -2.74
CA GLN D 166 -5.43 -19.64 -1.89
C GLN D 166 -5.30 -18.54 -0.82
N ASP D 167 -5.07 -18.93 0.42
CA ASP D 167 -4.86 -17.99 1.56
C ASP D 167 -3.63 -17.12 1.30
N SER D 168 -3.73 -15.83 1.61
CA SER D 168 -2.72 -14.81 1.27
C SER D 168 -1.63 -14.71 2.35
N LYS D 169 -1.60 -15.65 3.31
CA LYS D 169 -0.56 -15.68 4.38
C LYS D 169 0.15 -17.03 4.43
N ASP D 170 -0.60 -18.14 4.45
CA ASP D 170 -0.02 -19.51 4.59
C ASP D 170 -0.13 -20.29 3.28
N SER D 171 -0.75 -19.72 2.25
CA SER D 171 -0.76 -20.26 0.86
C SER D 171 -1.51 -21.60 0.82
N THR D 172 -2.42 -21.84 1.75
CA THR D 172 -3.20 -23.11 1.83
C THR D 172 -4.59 -22.90 1.25
N TYR D 173 -5.33 -24.00 1.07
CA TYR D 173 -6.75 -24.01 0.62
C TYR D 173 -7.63 -24.58 1.73
N SER D 174 -8.90 -24.20 1.72
CA SER D 174 -9.98 -24.85 2.51
C SER D 174 -11.08 -25.30 1.55
N LEU D 175 -11.76 -26.37 1.93
CA LEU D 175 -12.85 -26.98 1.15
C LEU D 175 -14.01 -27.25 2.09
N SER D 176 -15.23 -26.98 1.63
CA SER D 176 -16.48 -27.28 2.35
CA SER D 176 -16.47 -27.30 2.36
C SER D 176 -17.34 -28.21 1.50
N SER D 177 -17.76 -29.33 2.08
CA SER D 177 -18.71 -30.26 1.43
C SER D 177 -20.02 -30.20 2.22
N THR D 178 -21.12 -29.96 1.53
CA THR D 178 -22.46 -29.87 2.14
C THR D 178 -23.35 -30.99 1.58
N LEU D 179 -23.86 -31.83 2.47
CA LEU D 179 -24.85 -32.89 2.16
C LEU D 179 -26.21 -32.39 2.63
N THR D 180 -27.17 -32.18 1.73
CA THR D 180 -28.50 -31.64 2.07
C THR D 180 -29.56 -32.74 1.93
N LEU D 181 -30.34 -32.96 2.98
CA LEU D 181 -31.43 -33.98 3.00
C LEU D 181 -32.68 -33.33 3.57
N SER D 182 -33.82 -33.98 3.36
CA SER D 182 -35.08 -33.71 4.10
C SER D 182 -34.84 -34.04 5.58
N LYS D 183 -35.68 -33.51 6.46
CA LYS D 183 -35.70 -33.90 7.90
C LYS D 183 -36.01 -35.41 8.00
N ALA D 184 -36.95 -35.90 7.19
CA ALA D 184 -37.41 -37.31 7.19
C ALA D 184 -36.25 -38.26 6.90
N ASP D 185 -35.54 -38.02 5.79
CA ASP D 185 -34.39 -38.87 5.35
C ASP D 185 -33.26 -38.74 6.36
N TYR D 186 -32.97 -37.55 6.86
CA TYR D 186 -31.94 -37.35 7.91
C TYR D 186 -32.27 -38.20 9.14
N GLU D 187 -33.53 -38.28 9.56
CA GLU D 187 -33.94 -39.01 10.79
C GLU D 187 -34.06 -40.52 10.53
N LYS D 188 -33.95 -40.97 9.29
CA LYS D 188 -34.04 -42.42 8.95
C LYS D 188 -32.71 -43.13 9.23
N HIS D 189 -31.62 -42.38 9.38
CA HIS D 189 -30.25 -42.97 9.48
C HIS D 189 -29.54 -42.40 10.71
N LYS D 190 -28.47 -43.07 11.14
CA LYS D 190 -27.84 -42.86 12.46
C LYS D 190 -26.43 -42.27 12.32
N VAL D 191 -25.59 -42.86 11.48
CA VAL D 191 -24.15 -42.50 11.38
C VAL D 191 -23.92 -41.66 10.11
N TYR D 192 -23.33 -40.49 10.28
CA TYR D 192 -22.96 -39.53 9.20
C TYR D 192 -21.44 -39.39 9.21
N ALA D 193 -20.78 -39.77 8.12
CA ALA D 193 -19.31 -39.76 8.01
C ALA D 193 -18.88 -39.08 6.71
N CYS D 194 -17.84 -38.27 6.76
CA CYS D 194 -17.15 -37.77 5.55
C CYS D 194 -15.72 -38.31 5.58
N GLU D 195 -15.32 -38.97 4.48
CA GLU D 195 -13.97 -39.54 4.31
C GLU D 195 -13.20 -38.64 3.35
N VAL D 196 -11.97 -38.31 3.72
CA VAL D 196 -11.10 -37.36 3.00
C VAL D 196 -9.82 -38.08 2.58
N THR D 197 -9.49 -38.00 1.28
CA THR D 197 -8.20 -38.49 0.74
C THR D 197 -7.48 -37.28 0.15
N HIS D 198 -6.20 -37.15 0.48
CA HIS D 198 -5.28 -36.05 0.12
C HIS D 198 -3.86 -36.59 0.24
N GLN D 199 -2.96 -36.17 -0.65
CA GLN D 199 -1.58 -36.75 -0.70
C GLN D 199 -0.84 -36.46 0.62
N GLY D 200 -1.30 -35.50 1.42
CA GLY D 200 -0.76 -35.20 2.76
C GLY D 200 -1.18 -36.20 3.82
N LEU D 201 -2.04 -37.16 3.46
CA LEU D 201 -2.56 -38.20 4.39
C LEU D 201 -2.11 -39.57 3.89
N SER D 202 -1.31 -40.29 4.69
CA SER D 202 -0.78 -41.63 4.36
C SER D 202 -1.95 -42.55 3.97
N SER D 203 -3.08 -42.45 4.67
CA SER D 203 -4.33 -43.20 4.37
C SER D 203 -5.54 -42.28 4.56
N PRO D 204 -6.65 -42.50 3.81
CA PRO D 204 -7.88 -41.73 3.97
C PRO D 204 -8.32 -41.58 5.43
N VAL D 205 -8.74 -40.37 5.79
CA VAL D 205 -9.19 -40.03 7.17
C VAL D 205 -10.71 -39.88 7.16
N THR D 206 -11.37 -40.43 8.17
CA THR D 206 -12.83 -40.35 8.33
C THR D 206 -13.15 -39.47 9.54
N LYS D 207 -14.11 -38.55 9.39
CA LYS D 207 -14.81 -37.93 10.53
C LYS D 207 -16.25 -38.38 10.46
N SER D 208 -16.88 -38.54 11.61
CA SER D 208 -18.26 -39.08 11.69
C SER D 208 -18.88 -38.63 12.99
N PHE D 209 -20.21 -38.68 13.06
CA PHE D 209 -21.00 -38.51 14.29
C PHE D 209 -22.28 -39.33 14.16
N ASN D 210 -23.00 -39.44 15.28
CA ASN D 210 -24.30 -40.12 15.40
C ASN D 210 -25.36 -39.05 15.69
N ARG D 211 -26.49 -39.06 14.97
CA ARG D 211 -27.70 -38.29 15.39
C ARG D 211 -27.96 -38.57 16.87
N GLY D 212 -27.58 -37.64 17.75
CA GLY D 212 -27.59 -37.80 19.22
C GLY D 212 -26.20 -38.02 19.81
#